data_8SJ2
#
_entry.id   8SJ2
#
_cell.length_a   78.634
_cell.length_b   98.851
_cell.length_c   142.778
_cell.angle_alpha   90.00
_cell.angle_beta   90.00
_cell.angle_gamma   90.00
#
_symmetry.space_group_name_H-M   'P 21 21 21'
#
loop_
_entity.id
_entity.type
_entity.pdbx_description
1 polymer 'Cyclic GMP-AMP synthase'
2 polymer 'Palindromic DNA18'
3 non-polymer "ADENOSINE-5'-TRIPHOSPHATE"
4 non-polymer "2'-DEOXYGUANOSINE-5'-TRIPHOSPHATE"
5 non-polymer 'MAGNESIUM ION'
6 non-polymer 'ZINC ION'
7 water water
#
loop_
_entity_poly.entity_id
_entity_poly.type
_entity_poly.pdbx_seq_one_letter_code
_entity_poly.pdbx_strand_id
1 'polypeptide(L)'
;GTGPDKLKKVLDKLRLKRKDISEAAETVNKVVERLLRRMQKRESEFKGVEQLNTGSYYEHVKISAPNEFDVMFKLEVPRI
ELQEYYETGAFYLVKFKRIPRGNPLSHFLEGEVLSATKMLSKFRKIIKEEVKEIKDIDVSVEKEKPGSPAVTLLIRNPEE
ISVDIILALESKGSWPISTKEGLPIQGWLGTKVRTNLRREPFYLVPKNAKDGNSFQGETWRLSFSHTEKYILNNHGIEKT
CCESSGAKCCRKECLKLMKYLLEQLKKEFQELDAFCSYHVKTAIFHMWTQDPQDSQWDPRNLSSCFDKLLAFFLECLRTE
KLDHYFIPKFNLFSQELIDRKSKEFLSKKIEYERNNGFPIFDKL
;
A,C
2 'polydeoxyribonucleotide' (DA)(DT)(DC)(DT)(DG)(DT)(DA)(DC)(DA)(DT)(DG)(DT)(DA)(DC)(DA)(DG)(DA)(DT) E,F,I,J
#
loop_
_chem_comp.id
_chem_comp.type
_chem_comp.name
_chem_comp.formula
ATP non-polymer ADENOSINE-5'-TRIPHOSPHATE 'C10 H16 N5 O13 P3'
DA DNA linking 2'-DEOXYADENOSINE-5'-MONOPHOSPHATE 'C10 H14 N5 O6 P'
DC DNA linking 2'-DEOXYCYTIDINE-5'-MONOPHOSPHATE 'C9 H14 N3 O7 P'
DG DNA linking 2'-DEOXYGUANOSINE-5'-MONOPHOSPHATE 'C10 H14 N5 O7 P'
DGT non-polymer 2'-DEOXYGUANOSINE-5'-TRIPHOSPHATE 'C10 H16 N5 O13 P3'
DT DNA linking THYMIDINE-5'-MONOPHOSPHATE 'C10 H15 N2 O8 P'
MG non-polymer 'MAGNESIUM ION' 'Mg 2'
ZN non-polymer 'ZINC ION' 'Zn 2'
#
# COMPACT_ATOMS: atom_id res chain seq x y z
N GLY A 3 -26.02 10.38 -23.66
CA GLY A 3 -26.44 11.45 -22.77
C GLY A 3 -26.16 11.09 -21.33
N PRO A 4 -25.87 12.09 -20.49
CA PRO A 4 -25.64 11.80 -19.06
C PRO A 4 -26.71 10.91 -18.44
N ASP A 5 -27.98 11.10 -18.81
CA ASP A 5 -29.09 10.37 -18.22
C ASP A 5 -29.38 9.04 -18.92
N LYS A 6 -29.18 8.95 -20.23
CA LYS A 6 -29.31 7.65 -20.89
C LYS A 6 -28.37 6.63 -20.28
N LEU A 7 -27.09 6.98 -20.15
CA LEU A 7 -26.13 6.01 -19.66
C LEU A 7 -26.35 5.68 -18.19
N LYS A 8 -26.83 6.66 -17.38
CA LYS A 8 -27.17 6.35 -16.00
C LYS A 8 -28.24 5.28 -15.90
N LYS A 9 -29.26 5.34 -16.77
CA LYS A 9 -30.30 4.31 -16.76
C LYS A 9 -29.74 2.96 -17.18
N VAL A 10 -28.81 2.92 -18.14
CA VAL A 10 -28.20 1.64 -18.50
C VAL A 10 -27.47 1.04 -17.29
N LEU A 11 -26.65 1.87 -16.62
CA LEU A 11 -25.94 1.38 -15.44
C LEU A 11 -26.90 0.84 -14.39
N ASP A 12 -28.09 1.45 -14.25
CA ASP A 12 -29.09 0.90 -13.33
C ASP A 12 -29.50 -0.50 -13.74
N LYS A 13 -29.73 -0.72 -15.03
CA LYS A 13 -30.02 -2.05 -15.53
C LYS A 13 -28.85 -3.00 -15.26
N LEU A 14 -27.61 -2.50 -15.39
CA LEU A 14 -26.42 -3.33 -15.22
C LEU A 14 -26.14 -3.72 -13.76
N ARG A 15 -26.67 -2.96 -12.80
CA ARG A 15 -26.31 -3.11 -11.40
C ARG A 15 -26.79 -4.45 -10.83
N LEU A 16 -25.92 -5.16 -10.14
CA LEU A 16 -26.31 -6.41 -9.49
C LEU A 16 -27.21 -6.14 -8.28
N LYS A 17 -28.09 -7.10 -8.01
CA LYS A 17 -29.01 -7.05 -6.88
C LYS A 17 -28.43 -7.85 -5.72
N ARG A 18 -28.49 -7.27 -4.51
CA ARG A 18 -27.92 -7.93 -3.35
C ARG A 18 -28.51 -9.32 -3.14
N LYS A 19 -29.81 -9.47 -3.40
CA LYS A 19 -30.47 -10.77 -3.26
C LYS A 19 -29.77 -11.81 -4.13
N ASP A 20 -29.53 -11.49 -5.41
CA ASP A 20 -28.84 -12.41 -6.31
C ASP A 20 -27.39 -12.65 -5.89
N ILE A 21 -26.68 -11.59 -5.47
CA ILE A 21 -25.28 -11.73 -5.03
C ILE A 21 -25.20 -12.74 -3.90
N SER A 22 -26.05 -12.57 -2.91
CA SER A 22 -26.01 -13.40 -1.71
C SER A 22 -26.29 -14.86 -2.04
N GLU A 23 -27.33 -15.11 -2.84
CA GLU A 23 -27.68 -16.47 -3.22
C GLU A 23 -26.58 -17.13 -4.06
N ALA A 24 -26.03 -16.40 -5.03
CA ALA A 24 -24.98 -16.98 -5.87
C ALA A 24 -23.72 -17.28 -5.08
N ALA A 25 -23.31 -16.35 -4.21
CA ALA A 25 -22.04 -16.49 -3.50
C ALA A 25 -22.10 -17.57 -2.44
N GLU A 26 -23.27 -17.76 -1.82
CA GLU A 26 -23.40 -18.85 -0.87
C GLU A 26 -23.03 -20.17 -1.55
N THR A 27 -23.69 -20.49 -2.66
CA THR A 27 -23.39 -21.71 -3.39
C THR A 27 -21.94 -21.73 -3.90
N VAL A 28 -21.49 -20.64 -4.55
CA VAL A 28 -20.13 -20.63 -5.10
C VAL A 28 -19.11 -20.91 -4.01
N ASN A 29 -19.25 -20.25 -2.85
CA ASN A 29 -18.23 -20.43 -1.80
C ASN A 29 -18.23 -21.86 -1.27
N LYS A 30 -19.40 -22.49 -1.19
CA LYS A 30 -19.47 -23.88 -0.74
C LYS A 30 -18.70 -24.81 -1.68
N VAL A 31 -18.96 -24.69 -2.99
CA VAL A 31 -18.30 -25.57 -3.94
C VAL A 31 -16.79 -25.32 -3.95
N VAL A 32 -16.38 -24.04 -3.97
CA VAL A 32 -14.96 -23.71 -4.05
C VAL A 32 -14.21 -24.20 -2.82
N GLU A 33 -14.76 -23.93 -1.64
CA GLU A 33 -14.13 -24.44 -0.43
C GLU A 33 -13.96 -25.96 -0.50
N ARG A 34 -15.04 -26.67 -0.83
CA ARG A 34 -14.92 -28.13 -0.87
C ARG A 34 -13.82 -28.56 -1.84
N LEU A 35 -13.72 -27.89 -3.00
CA LEU A 35 -12.67 -28.26 -3.95
C LEU A 35 -11.29 -27.89 -3.42
N LEU A 36 -11.16 -26.73 -2.75
CA LEU A 36 -9.86 -26.37 -2.17
C LEU A 36 -9.42 -27.38 -1.10
N ARG A 37 -10.36 -27.87 -0.30
CA ARG A 37 -10.01 -28.82 0.76
C ARG A 37 -9.53 -30.14 0.18
N ARG A 38 -10.22 -30.67 -0.83
CA ARG A 38 -9.81 -31.91 -1.47
C ARG A 38 -8.39 -31.84 -2.02
N MET A 39 -7.98 -30.66 -2.51
CA MET A 39 -6.61 -30.49 -3.00
C MET A 39 -5.57 -30.59 -1.89
N GLN A 40 -5.96 -30.49 -0.62
CA GLN A 40 -5.00 -30.47 0.48
C GLN A 40 -4.75 -31.83 1.11
N LYS A 41 -5.51 -32.85 0.75
CA LYS A 41 -5.38 -34.07 1.50
C LYS A 41 -4.39 -35.05 0.84
N ARG A 42 -4.09 -36.12 1.58
CA ARG A 42 -3.18 -37.22 1.26
C ARG A 42 -2.23 -37.02 0.09
N GLU A 43 -2.45 -37.81 -0.97
CA GLU A 43 -1.48 -37.96 -2.04
C GLU A 43 -1.35 -36.71 -2.90
N SER A 44 -2.30 -35.79 -2.79
CA SER A 44 -2.49 -34.73 -3.77
C SER A 44 -1.18 -34.02 -4.13
N GLU A 45 -0.86 -34.04 -5.43
CA GLU A 45 0.22 -33.22 -5.96
C GLU A 45 -0.02 -31.73 -5.73
N PHE A 46 -1.26 -31.32 -5.51
CA PHE A 46 -1.61 -29.91 -5.40
C PHE A 46 -1.74 -29.45 -3.96
N LYS A 47 -1.33 -30.27 -3.00
CA LYS A 47 -1.32 -29.87 -1.61
C LYS A 47 -0.50 -28.60 -1.43
N GLY A 48 -1.01 -27.69 -0.61
CA GLY A 48 -0.41 -26.37 -0.47
C GLY A 48 -1.00 -25.30 -1.38
N VAL A 49 -1.79 -25.68 -2.39
CA VAL A 49 -2.43 -24.72 -3.26
C VAL A 49 -3.28 -23.76 -2.42
N GLU A 50 -3.28 -22.49 -2.82
CA GLU A 50 -3.99 -21.44 -2.09
C GLU A 50 -5.00 -20.75 -3.01
N GLN A 51 -6.03 -20.16 -2.41
CA GLN A 51 -7.12 -19.58 -3.19
C GLN A 51 -6.91 -18.09 -3.37
N LEU A 52 -7.15 -17.61 -4.60
CA LEU A 52 -7.09 -16.20 -4.94
C LEU A 52 -8.29 -15.89 -5.81
N ASN A 53 -9.19 -15.05 -5.33
CA ASN A 53 -10.37 -14.66 -6.09
C ASN A 53 -10.01 -13.53 -7.04
N THR A 54 -10.42 -13.65 -8.31
CA THR A 54 -9.99 -12.70 -9.34
C THR A 54 -11.17 -12.37 -10.25
N GLY A 55 -10.92 -11.50 -11.23
CA GLY A 55 -11.90 -11.20 -12.25
C GLY A 55 -12.97 -10.23 -11.79
N SER A 56 -13.97 -10.04 -12.66
CA SER A 56 -14.81 -8.86 -12.56
C SER A 56 -15.70 -8.87 -11.34
N TYR A 57 -16.10 -10.03 -10.85
CA TYR A 57 -16.98 -10.03 -9.68
C TYR A 57 -16.25 -9.50 -8.46
N TYR A 58 -15.00 -9.92 -8.26
CA TYR A 58 -14.23 -9.41 -7.12
C TYR A 58 -13.62 -8.05 -7.38
N GLU A 59 -13.69 -7.53 -8.61
CA GLU A 59 -13.31 -6.16 -8.87
C GLU A 59 -14.50 -5.22 -8.83
N HIS A 60 -15.72 -5.76 -8.64
CA HIS A 60 -16.96 -4.99 -8.62
C HIS A 60 -17.28 -4.35 -9.95
N VAL A 61 -16.91 -4.98 -11.08
CA VAL A 61 -17.35 -4.53 -12.39
C VAL A 61 -18.09 -5.65 -13.16
N LYS A 62 -18.54 -6.70 -12.47
CA LYS A 62 -19.42 -7.68 -13.08
C LYS A 62 -20.77 -7.01 -13.40
N ILE A 63 -21.31 -7.26 -14.58
CA ILE A 63 -22.55 -6.58 -14.96
C ILE A 63 -23.69 -7.58 -15.13
N SER A 64 -24.92 -7.05 -15.05
CA SER A 64 -26.18 -7.72 -15.37
C SER A 64 -26.59 -8.77 -14.34
N ALA A 65 -25.72 -9.74 -14.06
CA ALA A 65 -26.07 -10.81 -13.14
C ALA A 65 -24.79 -11.40 -12.57
N PRO A 66 -24.81 -11.87 -11.31
CA PRO A 66 -23.61 -12.54 -10.76
C PRO A 66 -23.57 -14.00 -11.18
N ASN A 67 -23.26 -14.25 -12.45
CA ASN A 67 -23.32 -15.60 -13.00
C ASN A 67 -21.98 -16.12 -13.51
N GLU A 68 -20.86 -15.47 -13.19
CA GLU A 68 -19.56 -15.95 -13.65
C GLU A 68 -18.51 -15.48 -12.67
N PHE A 69 -17.83 -16.42 -12.01
CA PHE A 69 -16.83 -16.16 -10.98
C PHE A 69 -15.52 -16.77 -11.42
N ASP A 70 -14.43 -16.08 -11.14
CA ASP A 70 -13.10 -16.55 -11.49
C ASP A 70 -12.31 -16.70 -10.20
N VAL A 71 -11.69 -17.86 -10.02
CA VAL A 71 -10.90 -18.11 -8.83
C VAL A 71 -9.62 -18.84 -9.23
N MET A 72 -8.52 -18.41 -8.66
CA MET A 72 -7.21 -18.97 -8.96
C MET A 72 -6.80 -19.92 -7.83
N PHE A 73 -6.42 -21.14 -8.19
CA PHE A 73 -5.81 -22.09 -7.25
C PHE A 73 -4.32 -22.08 -7.54
N LYS A 74 -3.54 -21.46 -6.65
CA LYS A 74 -2.15 -21.11 -6.96
C LYS A 74 -1.19 -21.96 -6.12
N LEU A 75 -0.13 -22.43 -6.77
CA LEU A 75 0.83 -23.33 -6.13
C LEU A 75 2.22 -22.71 -6.24
N GLU A 76 2.85 -22.46 -5.09
CA GLU A 76 4.22 -21.94 -5.08
C GLU A 76 5.20 -23.01 -5.52
N VAL A 77 6.13 -22.62 -6.38
CA VAL A 77 7.15 -23.52 -6.91
C VAL A 77 8.51 -22.84 -6.81
N PRO A 78 9.47 -23.42 -6.09
CA PRO A 78 10.76 -22.72 -5.86
C PRO A 78 11.84 -22.87 -6.92
N ARG A 79 12.35 -24.08 -7.18
CA ARG A 79 13.41 -24.27 -8.18
C ARG A 79 12.95 -23.91 -9.59
N ILE A 80 12.78 -22.63 -9.91
CA ILE A 80 12.08 -22.24 -11.12
C ILE A 80 13.02 -21.52 -12.07
N GLU A 81 13.20 -22.09 -13.27
CA GLU A 81 13.90 -21.43 -14.36
C GLU A 81 12.94 -21.29 -15.53
N LEU A 82 12.88 -20.09 -16.08
CA LEU A 82 11.98 -19.76 -17.18
C LEU A 82 12.74 -19.67 -18.49
N GLN A 83 12.14 -20.14 -19.56
CA GLN A 83 12.71 -19.98 -20.89
C GLN A 83 11.62 -19.40 -21.78
N GLU A 84 11.89 -18.22 -22.35
CA GLU A 84 10.89 -17.57 -23.17
C GLU A 84 10.63 -18.37 -24.44
N TYR A 85 9.37 -18.35 -24.87
CA TYR A 85 8.92 -19.10 -26.03
C TYR A 85 8.97 -18.17 -27.23
N TYR A 86 10.01 -18.32 -28.06
CA TYR A 86 10.13 -17.61 -29.34
C TYR A 86 9.87 -16.10 -29.22
N GLU A 87 10.48 -15.45 -28.24
CA GLU A 87 10.38 -14.00 -28.11
C GLU A 87 8.94 -13.48 -28.03
N THR A 88 7.97 -14.31 -27.64
CA THR A 88 6.58 -13.84 -27.57
C THR A 88 6.29 -12.97 -26.35
N GLY A 89 7.19 -12.92 -25.37
CA GLY A 89 6.96 -12.12 -24.17
C GLY A 89 5.98 -12.70 -23.16
N ALA A 90 4.91 -13.35 -23.61
CA ALA A 90 3.90 -13.84 -22.69
C ALA A 90 4.01 -15.33 -22.38
N PHE A 91 4.69 -16.12 -23.22
CA PHE A 91 4.65 -17.57 -23.14
C PHE A 91 6.02 -18.13 -22.75
N TYR A 92 6.03 -19.14 -21.88
CA TYR A 92 7.26 -19.64 -21.27
C TYR A 92 7.23 -21.16 -21.14
N LEU A 93 8.43 -21.75 -21.15
CA LEU A 93 8.69 -23.09 -20.63
C LEU A 93 9.20 -22.98 -19.19
N VAL A 94 8.80 -23.95 -18.36
CA VAL A 94 9.16 -23.98 -16.95
C VAL A 94 10.08 -25.17 -16.69
N LYS A 95 11.18 -24.93 -16.00
CA LYS A 95 12.20 -25.95 -15.76
C LYS A 95 12.56 -26.01 -14.29
N PHE A 96 12.98 -27.19 -13.85
CA PHE A 96 13.46 -27.37 -12.48
C PHE A 96 14.96 -27.67 -12.45
N ASN A 103 9.68 -34.39 -4.78
CA ASN A 103 8.90 -33.42 -5.54
C ASN A 103 7.57 -34.02 -6.01
N PRO A 104 6.46 -33.50 -5.48
CA PRO A 104 5.15 -34.02 -5.90
C PRO A 104 4.84 -33.78 -7.36
N LEU A 105 5.55 -32.86 -8.03
CA LEU A 105 5.39 -32.59 -9.45
C LEU A 105 6.22 -33.50 -10.34
N SER A 106 6.77 -34.59 -9.80
CA SER A 106 7.65 -35.44 -10.59
C SER A 106 6.91 -36.07 -11.77
N HIS A 107 5.69 -36.55 -11.53
CA HIS A 107 4.95 -37.27 -12.58
C HIS A 107 4.47 -36.37 -13.69
N PHE A 108 4.59 -35.05 -13.55
CA PHE A 108 4.32 -34.11 -14.63
C PHE A 108 5.57 -33.68 -15.37
N LEU A 109 6.75 -34.07 -14.89
CA LEU A 109 7.99 -33.65 -15.52
C LEU A 109 8.28 -34.48 -16.76
N GLU A 110 8.78 -33.82 -17.79
CA GLU A 110 9.30 -34.48 -18.99
C GLU A 110 10.76 -34.13 -19.14
N GLY A 111 11.60 -34.73 -18.29
CA GLY A 111 13.01 -34.43 -18.24
C GLY A 111 13.29 -32.94 -18.19
N GLU A 112 13.31 -32.37 -16.99
CA GLU A 112 13.59 -30.97 -16.71
C GLU A 112 12.38 -30.06 -16.92
N VAL A 113 11.51 -30.38 -17.89
CA VAL A 113 10.42 -29.50 -18.30
C VAL A 113 9.12 -29.91 -17.61
N LEU A 114 8.45 -28.94 -16.99
CA LEU A 114 7.15 -29.17 -16.38
C LEU A 114 6.06 -29.05 -17.45
N SER A 115 5.30 -30.12 -17.66
CA SER A 115 4.24 -30.14 -18.66
C SER A 115 2.99 -29.47 -18.12
N ALA A 116 2.48 -28.46 -18.84
CA ALA A 116 1.23 -27.82 -18.45
C ALA A 116 0.06 -28.78 -18.61
N THR A 117 -0.09 -29.39 -19.79
CA THR A 117 -1.29 -30.19 -20.00
C THR A 117 -1.31 -31.44 -19.15
N LYS A 118 -0.14 -31.97 -18.76
CA LYS A 118 -0.13 -33.09 -17.81
C LYS A 118 -0.59 -32.65 -16.42
N MET A 119 -0.09 -31.50 -15.95
CA MET A 119 -0.49 -30.99 -14.64
C MET A 119 -1.97 -30.62 -14.63
N LEU A 120 -2.44 -29.94 -15.69
CA LEU A 120 -3.85 -29.55 -15.79
C LEU A 120 -4.77 -30.77 -15.87
N SER A 121 -4.31 -31.84 -16.52
CA SER A 121 -5.15 -33.03 -16.64
C SER A 121 -5.39 -33.69 -15.29
N LYS A 122 -4.34 -33.82 -14.47
CA LYS A 122 -4.52 -34.34 -13.11
C LYS A 122 -5.42 -33.40 -12.30
N PHE A 123 -5.12 -32.10 -12.33
CA PHE A 123 -5.95 -31.11 -11.66
C PHE A 123 -7.41 -31.27 -12.03
N ARG A 124 -7.69 -31.38 -13.34
CA ARG A 124 -9.05 -31.55 -13.82
C ARG A 124 -9.65 -32.87 -13.33
N LYS A 125 -8.86 -33.94 -13.32
CA LYS A 125 -9.38 -35.25 -12.93
C LYS A 125 -9.82 -35.23 -11.47
N ILE A 126 -8.97 -34.69 -10.59
CA ILE A 126 -9.32 -34.58 -9.18
C ILE A 126 -10.59 -33.76 -9.01
N ILE A 127 -10.69 -32.64 -9.73
CA ILE A 127 -11.87 -31.78 -9.60
C ILE A 127 -13.12 -32.53 -10.03
N LYS A 128 -13.07 -33.19 -11.20
CA LYS A 128 -14.25 -33.90 -11.69
C LYS A 128 -14.69 -34.96 -10.69
N GLU A 129 -13.74 -35.59 -10.00
CA GLU A 129 -14.08 -36.62 -9.04
C GLU A 129 -14.75 -36.02 -7.81
N GLU A 130 -14.26 -34.87 -7.35
CA GLU A 130 -14.87 -34.26 -6.18
C GLU A 130 -16.27 -33.73 -6.48
N VAL A 131 -16.47 -33.18 -7.68
CA VAL A 131 -17.78 -32.67 -8.09
C VAL A 131 -18.82 -33.78 -8.10
N LYS A 132 -18.43 -35.00 -8.44
CA LYS A 132 -19.36 -36.11 -8.45
C LYS A 132 -19.86 -36.46 -7.04
N GLU A 133 -19.11 -36.15 -5.98
CA GLU A 133 -19.54 -36.44 -4.61
C GLU A 133 -20.39 -35.33 -4.01
N ILE A 134 -20.59 -34.22 -4.72
CA ILE A 134 -21.46 -33.16 -4.23
C ILE A 134 -22.91 -33.58 -4.44
N LYS A 135 -23.67 -33.65 -3.34
CA LYS A 135 -25.11 -33.87 -3.37
C LYS A 135 -25.92 -32.60 -3.08
N ASP A 136 -25.34 -31.64 -2.34
CA ASP A 136 -26.06 -30.44 -1.94
C ASP A 136 -26.59 -29.65 -3.14
N ILE A 137 -25.88 -29.72 -4.27
CA ILE A 137 -25.93 -28.69 -5.30
C ILE A 137 -25.90 -29.34 -6.67
N ASP A 138 -26.59 -28.73 -7.63
CA ASP A 138 -26.59 -29.16 -9.03
C ASP A 138 -25.39 -28.51 -9.71
N VAL A 139 -24.31 -29.27 -9.87
CA VAL A 139 -23.05 -28.72 -10.38
C VAL A 139 -22.33 -29.79 -11.19
N SER A 140 -21.88 -29.42 -12.39
CA SER A 140 -21.15 -30.34 -13.26
C SER A 140 -19.95 -29.61 -13.86
N VAL A 141 -19.08 -30.37 -14.52
CA VAL A 141 -17.84 -29.86 -15.07
C VAL A 141 -18.00 -29.75 -16.58
N GLU A 142 -17.74 -28.55 -17.11
CA GLU A 142 -17.91 -28.28 -18.53
C GLU A 142 -16.82 -28.96 -19.35
N LYS A 143 -17.22 -29.48 -20.51
CA LYS A 143 -16.31 -29.99 -21.53
C LYS A 143 -15.11 -29.05 -21.71
N GLU A 144 -13.91 -29.62 -21.72
CA GLU A 144 -12.70 -28.80 -21.82
C GLU A 144 -12.71 -28.04 -23.13
N LYS A 145 -12.33 -26.75 -23.06
CA LYS A 145 -12.24 -25.88 -24.22
C LYS A 145 -10.80 -25.62 -24.56
N PRO A 146 -10.37 -25.82 -25.80
CA PRO A 146 -8.97 -25.54 -26.15
C PRO A 146 -8.65 -24.05 -26.01
N GLY A 147 -7.41 -23.76 -25.69
CA GLY A 147 -6.96 -22.42 -25.43
C GLY A 147 -7.13 -21.95 -24.01
N SER A 148 -7.86 -22.70 -23.19
CA SER A 148 -8.20 -22.25 -21.85
C SER A 148 -7.44 -23.04 -20.79
N PRO A 149 -6.90 -22.38 -19.75
CA PRO A 149 -6.59 -23.12 -18.53
C PRO A 149 -7.92 -23.57 -17.93
N ALA A 150 -8.28 -23.11 -16.73
CA ALA A 150 -9.66 -23.18 -16.27
C ALA A 150 -10.32 -24.56 -16.31
N VAL A 151 -10.71 -25.06 -15.16
CA VAL A 151 -11.74 -26.08 -15.07
C VAL A 151 -13.03 -25.33 -14.75
N THR A 152 -14.00 -25.38 -15.67
CA THR A 152 -15.21 -24.56 -15.56
C THR A 152 -16.34 -25.38 -14.97
N LEU A 153 -16.93 -24.89 -13.89
CA LEU A 153 -18.08 -25.52 -13.25
C LEU A 153 -19.35 -24.84 -13.73
N LEU A 154 -20.34 -25.64 -14.07
CA LEU A 154 -21.65 -25.14 -14.43
C LEU A 154 -22.58 -25.48 -13.27
N ILE A 155 -22.93 -24.47 -12.47
CA ILE A 155 -23.80 -24.63 -11.32
C ILE A 155 -25.20 -24.19 -11.71
N ARG A 156 -26.19 -25.02 -11.40
CA ARG A 156 -27.57 -24.68 -11.66
C ARG A 156 -28.24 -24.37 -10.33
N ASN A 157 -27.63 -23.48 -9.58
CA ASN A 157 -28.21 -22.89 -8.37
C ASN A 157 -29.42 -22.12 -8.84
N PRO A 158 -30.62 -22.69 -8.79
CA PRO A 158 -31.58 -22.55 -9.89
C PRO A 158 -30.98 -21.89 -11.14
N GLU A 159 -30.73 -20.59 -11.08
CA GLU A 159 -30.12 -19.84 -12.17
C GLU A 159 -28.72 -20.37 -12.50
N GLU A 160 -28.31 -20.21 -13.76
CA GLU A 160 -27.03 -20.73 -14.23
C GLU A 160 -25.86 -19.85 -13.78
N ILE A 161 -24.80 -20.50 -13.31
CA ILE A 161 -23.59 -19.83 -12.82
C ILE A 161 -22.38 -20.62 -13.27
N SER A 162 -21.40 -19.94 -13.88
CA SER A 162 -20.12 -20.55 -14.24
C SER A 162 -19.04 -20.16 -13.24
N VAL A 163 -18.18 -21.12 -12.89
CA VAL A 163 -17.02 -20.85 -12.04
C VAL A 163 -15.78 -21.39 -12.75
N ASP A 164 -14.89 -20.50 -13.16
CA ASP A 164 -13.61 -20.86 -13.73
C ASP A 164 -12.62 -21.08 -12.58
N ILE A 165 -12.18 -22.32 -12.38
CA ILE A 165 -11.06 -22.60 -11.49
C ILE A 165 -9.81 -22.64 -12.34
N ILE A 166 -8.90 -21.70 -12.09
CA ILE A 166 -7.67 -21.56 -12.86
C ILE A 166 -6.50 -22.08 -12.03
N LEU A 167 -5.83 -23.10 -12.53
CA LEU A 167 -4.59 -23.57 -11.93
C LEU A 167 -3.46 -22.59 -12.24
N ALA A 168 -2.68 -22.23 -11.23
CA ALA A 168 -1.60 -21.28 -11.45
C ALA A 168 -0.34 -21.73 -10.72
N LEU A 169 0.79 -21.59 -11.39
CA LEU A 169 2.09 -21.63 -10.71
C LEU A 169 2.40 -20.25 -10.13
N GLU A 170 2.87 -20.23 -8.88
CA GLU A 170 3.26 -18.99 -8.23
C GLU A 170 4.77 -18.94 -8.06
N SER A 171 5.40 -17.88 -8.58
CA SER A 171 6.84 -17.66 -8.40
C SER A 171 7.08 -16.34 -7.71
N LYS A 172 7.96 -16.34 -6.72
CA LYS A 172 8.20 -15.15 -5.92
C LYS A 172 9.40 -14.32 -6.37
N GLY A 173 10.16 -14.78 -7.37
CA GLY A 173 11.28 -14.02 -7.87
C GLY A 173 10.84 -12.75 -8.58
N SER A 174 11.82 -12.03 -9.10
CA SER A 174 11.53 -10.83 -9.87
C SER A 174 10.81 -11.20 -11.18
N TRP A 175 9.95 -10.28 -11.64
CA TRP A 175 9.12 -10.57 -12.81
C TRP A 175 9.97 -10.72 -14.06
N PRO A 176 9.52 -11.49 -15.05
CA PRO A 176 10.34 -11.72 -16.26
C PRO A 176 10.55 -10.43 -17.05
N ILE A 177 11.74 -10.32 -17.66
CA ILE A 177 12.17 -9.05 -18.23
C ILE A 177 11.24 -8.54 -19.31
N SER A 178 10.46 -9.41 -19.94
CA SER A 178 9.44 -8.95 -20.88
C SER A 178 8.43 -7.99 -20.27
N THR A 179 8.37 -7.88 -18.94
CA THR A 179 7.48 -6.95 -18.25
C THR A 179 8.18 -5.67 -17.80
N LYS A 180 9.49 -5.56 -18.02
CA LYS A 180 10.26 -4.44 -17.47
C LYS A 180 9.65 -3.08 -17.82
N GLU A 181 9.12 -2.95 -19.04
CA GLU A 181 8.53 -1.69 -19.46
C GLU A 181 7.01 -1.70 -19.43
N GLY A 182 6.38 -2.74 -18.87
CA GLY A 182 4.94 -2.76 -18.73
C GLY A 182 4.55 -2.04 -17.44
N LEU A 183 3.27 -2.16 -17.10
CA LEU A 183 2.72 -1.51 -15.92
C LEU A 183 3.14 -0.04 -15.85
N PRO A 184 2.84 0.77 -16.90
CA PRO A 184 3.36 2.15 -16.95
C PRO A 184 2.51 3.13 -16.14
N ILE A 185 2.44 2.89 -14.81
CA ILE A 185 1.51 3.60 -13.93
C ILE A 185 2.17 4.76 -13.19
N GLN A 186 3.40 5.16 -13.59
CA GLN A 186 4.21 6.09 -12.80
C GLN A 186 3.59 7.48 -12.73
N GLY A 187 2.91 7.94 -13.79
CA GLY A 187 2.31 9.26 -13.77
C GLY A 187 0.90 9.27 -13.20
N TRP A 188 0.43 8.11 -12.74
CA TRP A 188 -0.96 7.89 -12.37
C TRP A 188 -1.05 7.33 -10.94
N LEU A 189 -0.61 6.08 -10.71
CA LEU A 189 -0.57 5.54 -9.36
C LEU A 189 0.80 5.71 -8.69
N GLY A 190 1.87 5.87 -9.47
CA GLY A 190 3.13 6.34 -8.93
C GLY A 190 4.18 5.23 -8.83
N THR A 191 5.39 5.67 -8.48
CA THR A 191 6.56 4.78 -8.45
C THR A 191 6.54 3.85 -7.24
N LYS A 192 6.17 4.35 -6.04
CA LYS A 192 6.09 3.46 -4.89
C LYS A 192 5.05 2.37 -5.09
N VAL A 193 3.88 2.71 -5.63
CA VAL A 193 2.88 1.67 -5.91
C VAL A 193 3.44 0.68 -6.94
N ARG A 194 4.11 1.18 -7.99
CA ARG A 194 4.64 0.29 -9.01
C ARG A 194 5.68 -0.68 -8.44
N THR A 195 6.63 -0.15 -7.66
CA THR A 195 7.63 -0.98 -7.01
C THR A 195 7.00 -2.01 -6.06
N ASN A 196 6.00 -1.59 -5.28
CA ASN A 196 5.35 -2.52 -4.37
C ASN A 196 4.63 -3.63 -5.15
N LEU A 197 3.92 -3.28 -6.23
CA LEU A 197 3.22 -4.30 -7.02
C LEU A 197 4.20 -5.30 -7.65
N ARG A 198 5.38 -4.84 -8.07
CA ARG A 198 6.34 -5.72 -8.71
C ARG A 198 7.14 -6.53 -7.70
N ARG A 199 6.94 -6.29 -6.39
CA ARG A 199 7.46 -7.17 -5.37
C ARG A 199 6.52 -8.33 -5.07
N GLU A 200 5.28 -8.29 -5.56
CA GLU A 200 4.37 -9.42 -5.39
C GLU A 200 4.79 -10.55 -6.33
N PRO A 201 4.28 -11.77 -6.09
CA PRO A 201 4.62 -12.87 -7.00
C PRO A 201 4.06 -12.61 -8.40
N PHE A 202 4.58 -13.35 -9.35
CA PHE A 202 3.95 -13.42 -10.65
C PHE A 202 3.37 -14.83 -10.84
N TYR A 203 2.52 -15.00 -11.85
CA TYR A 203 1.77 -16.23 -12.01
C TYR A 203 1.86 -16.74 -13.43
N LEU A 204 1.86 -18.08 -13.55
CA LEU A 204 1.90 -18.79 -14.82
C LEU A 204 0.70 -19.73 -14.90
N VAL A 205 -0.06 -19.63 -15.99
CA VAL A 205 -1.20 -20.52 -16.18
C VAL A 205 -1.00 -21.29 -17.50
N PRO A 206 -1.62 -22.45 -17.64
CA PRO A 206 -1.46 -23.24 -18.89
C PRO A 206 -1.93 -22.49 -20.13
N LYS A 207 -1.11 -22.53 -21.18
CA LYS A 207 -1.55 -22.01 -22.48
C LYS A 207 -2.60 -22.92 -23.11
N ASN A 208 -2.30 -24.23 -23.16
CA ASN A 208 -3.30 -25.26 -23.47
C ASN A 208 -3.97 -25.02 -24.83
N ALA A 209 -3.18 -24.59 -25.81
CA ALA A 209 -3.71 -24.45 -27.16
C ALA A 209 -3.69 -25.78 -27.88
N LYS A 210 -4.51 -25.88 -28.92
CA LYS A 210 -4.55 -27.07 -29.77
C LYS A 210 -3.95 -26.80 -31.15
N ASP A 211 -3.13 -25.75 -31.27
CA ASP A 211 -2.66 -25.31 -32.58
C ASP A 211 -1.91 -26.41 -33.34
N GLY A 212 -1.29 -27.34 -32.63
CA GLY A 212 -0.44 -28.32 -33.24
C GLY A 212 1.00 -27.91 -33.37
N ASN A 213 1.38 -26.78 -32.76
CA ASN A 213 2.74 -26.26 -32.81
C ASN A 213 3.63 -26.98 -31.80
N SER A 214 4.94 -26.81 -31.96
CA SER A 214 5.91 -27.38 -31.05
C SER A 214 5.70 -26.83 -29.63
N PHE A 215 6.05 -27.66 -28.64
CA PHE A 215 5.99 -27.37 -27.21
C PHE A 215 4.57 -27.13 -26.70
N GLN A 216 3.56 -27.33 -27.56
CA GLN A 216 2.12 -27.19 -27.27
C GLN A 216 1.73 -27.46 -25.82
N GLY A 217 2.01 -28.66 -25.33
CA GLY A 217 1.59 -29.02 -24.02
C GLY A 217 2.53 -28.66 -22.90
N GLU A 218 3.61 -27.94 -23.18
CA GLU A 218 4.50 -27.52 -22.10
C GLU A 218 4.63 -26.00 -21.97
N THR A 219 3.81 -25.22 -22.67
CA THR A 219 3.93 -23.77 -22.60
C THR A 219 2.97 -23.20 -21.57
N TRP A 220 3.46 -22.24 -20.81
CA TRP A 220 2.67 -21.50 -19.83
C TRP A 220 2.56 -20.05 -20.28
N ARG A 221 1.59 -19.33 -19.71
CA ARG A 221 1.40 -17.93 -20.02
C ARG A 221 1.27 -17.10 -18.73
N LEU A 222 1.89 -15.92 -18.73
CA LEU A 222 1.86 -15.05 -17.56
C LEU A 222 0.45 -14.57 -17.24
N SER A 223 0.14 -14.48 -15.95
CA SER A 223 -1.14 -13.94 -15.47
C SER A 223 -0.89 -12.85 -14.44
N PHE A 224 -1.50 -11.69 -14.65
CA PHE A 224 -1.41 -10.58 -13.71
C PHE A 224 -2.79 -10.23 -13.13
N SER A 225 -3.66 -11.25 -13.01
CA SER A 225 -5.00 -11.05 -12.45
C SER A 225 -4.97 -10.38 -11.09
N HIS A 226 -4.01 -10.77 -10.23
CA HIS A 226 -3.93 -10.15 -8.91
C HIS A 226 -3.54 -8.68 -9.01
N THR A 227 -2.60 -8.33 -9.90
CA THR A 227 -2.25 -6.92 -10.06
C THR A 227 -3.43 -6.11 -10.60
N GLU A 228 -4.15 -6.67 -11.58
CA GLU A 228 -5.31 -5.97 -12.13
C GLU A 228 -6.36 -5.71 -11.06
N LYS A 229 -6.59 -6.71 -10.19
CA LYS A 229 -7.57 -6.57 -9.12
C LYS A 229 -7.20 -5.43 -8.17
N TYR A 230 -5.94 -5.36 -7.76
CA TYR A 230 -5.48 -4.23 -6.95
C TYR A 230 -5.70 -2.90 -7.68
N ILE A 231 -5.32 -2.82 -8.95
CA ILE A 231 -5.49 -1.58 -9.71
C ILE A 231 -6.97 -1.19 -9.82
N LEU A 232 -7.85 -2.16 -10.07
CA LEU A 232 -9.28 -1.83 -10.16
C LEU A 232 -9.80 -1.21 -8.87
N ASN A 233 -9.29 -1.65 -7.73
CA ASN A 233 -9.83 -1.22 -6.47
C ASN A 233 -8.99 -0.12 -5.84
N ASN A 234 -7.94 0.35 -6.53
CA ASN A 234 -7.12 1.49 -6.10
C ASN A 234 -6.77 2.30 -7.35
N HIS A 235 -7.78 2.88 -8.00
CA HIS A 235 -7.66 3.30 -9.39
C HIS A 235 -7.44 4.80 -9.58
N GLY A 236 -7.50 5.59 -8.53
CA GLY A 236 -7.39 7.03 -8.66
C GLY A 236 -5.99 7.55 -8.38
N ILE A 237 -5.69 8.75 -8.92
CA ILE A 237 -4.47 9.43 -8.54
C ILE A 237 -4.58 9.96 -7.11
N GLU A 238 -5.77 10.36 -6.68
CA GLU A 238 -5.96 10.72 -5.28
C GLU A 238 -6.35 9.48 -4.50
N LYS A 239 -5.81 9.39 -3.29
CA LYS A 239 -6.01 8.22 -2.44
C LYS A 239 -7.45 8.11 -1.99
N THR A 240 -8.18 9.23 -1.98
CA THR A 240 -9.56 9.24 -1.55
C THR A 240 -10.55 8.98 -2.71
N CYS A 241 -10.06 8.68 -3.91
CA CYS A 241 -10.98 8.46 -5.03
C CYS A 241 -11.96 7.35 -4.70
N CYS A 242 -13.25 7.65 -4.86
CA CYS A 242 -14.38 6.76 -4.62
C CYS A 242 -14.52 6.31 -3.16
N GLU A 243 -13.82 6.93 -2.21
CA GLU A 243 -13.91 6.63 -0.78
C GLU A 243 -15.01 7.47 -0.12
N SER A 244 -15.34 7.15 1.13
CA SER A 244 -16.44 7.87 1.77
C SER A 244 -16.09 9.32 2.15
N SER A 245 -14.82 9.71 2.18
CA SER A 245 -14.49 11.13 2.31
C SER A 245 -13.79 11.65 1.07
N GLY A 246 -14.08 11.05 -0.08
CA GLY A 246 -13.49 11.51 -1.31
C GLY A 246 -14.57 11.72 -2.36
N ALA A 247 -14.15 11.88 -3.60
CA ALA A 247 -15.07 12.18 -4.67
C ALA A 247 -15.20 10.93 -5.52
N LYS A 248 -16.43 10.65 -5.92
CA LYS A 248 -16.67 9.57 -6.85
C LYS A 248 -16.11 9.92 -8.24
N CYS A 249 -15.54 8.93 -8.92
CA CYS A 249 -15.17 9.05 -10.33
C CYS A 249 -16.04 8.09 -11.15
N CYS A 250 -15.91 8.14 -12.47
CA CYS A 250 -16.71 7.26 -13.32
C CYS A 250 -15.87 6.20 -14.05
N ARG A 251 -14.67 5.88 -13.54
CA ARG A 251 -13.80 4.95 -14.26
C ARG A 251 -14.42 3.55 -14.36
N LYS A 252 -14.92 3.01 -13.25
CA LYS A 252 -15.54 1.69 -13.28
C LYS A 252 -16.82 1.69 -14.10
N GLU A 253 -17.57 2.80 -14.04
CA GLU A 253 -18.81 2.89 -14.80
C GLU A 253 -18.52 2.86 -16.30
N CYS A 254 -17.44 3.54 -16.73
CA CYS A 254 -17.06 3.46 -18.14
C CYS A 254 -16.66 2.05 -18.53
N LEU A 255 -15.97 1.34 -17.63
CA LEU A 255 -15.63 -0.05 -17.92
C LEU A 255 -16.89 -0.91 -18.08
N LYS A 256 -17.89 -0.69 -17.24
CA LYS A 256 -19.07 -1.54 -17.31
C LYS A 256 -19.80 -1.33 -18.63
N LEU A 257 -19.96 -0.07 -19.03
CA LEU A 257 -20.63 0.26 -20.28
C LEU A 257 -19.92 -0.37 -21.47
N MET A 258 -18.59 -0.34 -21.46
CA MET A 258 -17.86 -0.88 -22.60
C MET A 258 -17.92 -2.41 -22.58
N LYS A 259 -17.84 -3.02 -21.39
CA LYS A 259 -18.07 -4.45 -21.26
C LYS A 259 -19.44 -4.84 -21.81
N TYR A 260 -20.46 -4.01 -21.54
CA TYR A 260 -21.82 -4.30 -21.95
C TYR A 260 -21.99 -4.17 -23.44
N LEU A 261 -21.36 -3.15 -24.04
CA LEU A 261 -21.39 -3.04 -25.50
C LEU A 261 -20.86 -4.32 -26.13
N LEU A 262 -19.75 -4.84 -25.61
CA LEU A 262 -19.11 -5.98 -26.24
C LEU A 262 -19.92 -7.26 -26.03
N GLU A 263 -20.41 -7.50 -24.79
CA GLU A 263 -21.26 -8.68 -24.54
C GLU A 263 -22.49 -8.67 -25.42
N GLN A 264 -23.17 -7.52 -25.53
CA GLN A 264 -24.38 -7.49 -26.35
C GLN A 264 -24.05 -7.79 -27.80
N LEU A 265 -22.95 -7.24 -28.31
CA LEU A 265 -22.59 -7.53 -29.69
C LEU A 265 -22.21 -8.99 -29.86
N LYS A 266 -21.45 -9.53 -28.90
CA LYS A 266 -20.97 -10.91 -29.01
C LYS A 266 -22.12 -11.91 -28.92
N LYS A 267 -23.18 -11.59 -28.17
CA LYS A 267 -24.36 -12.44 -28.14
C LYS A 267 -25.02 -12.57 -29.50
N GLU A 268 -24.93 -11.52 -30.34
CA GLU A 268 -25.64 -11.46 -31.60
C GLU A 268 -24.83 -11.97 -32.77
N PHE A 269 -23.51 -11.77 -32.76
CA PHE A 269 -22.72 -11.90 -33.99
C PHE A 269 -21.54 -12.83 -33.73
N GLN A 270 -21.60 -14.05 -34.31
CA GLN A 270 -20.52 -15.00 -34.10
C GLN A 270 -19.23 -14.55 -34.76
N GLU A 271 -19.31 -13.58 -35.68
CA GLU A 271 -18.16 -12.89 -36.24
C GLU A 271 -17.24 -12.25 -35.21
N LEU A 272 -17.64 -12.23 -33.94
CA LEU A 272 -16.88 -11.56 -32.87
C LEU A 272 -16.32 -12.55 -31.87
N ASP A 273 -16.33 -13.84 -32.18
CA ASP A 273 -15.85 -14.88 -31.28
C ASP A 273 -14.43 -14.62 -30.81
N ALA A 274 -13.58 -14.03 -31.66
CA ALA A 274 -12.20 -13.78 -31.29
C ALA A 274 -12.04 -12.69 -30.24
N PHE A 275 -13.05 -11.86 -30.01
CA PHE A 275 -12.95 -10.77 -29.05
C PHE A 275 -13.43 -11.21 -27.67
N CYS A 276 -12.90 -10.58 -26.62
CA CYS A 276 -13.26 -10.96 -25.26
C CYS A 276 -13.15 -9.75 -24.35
N SER A 277 -13.68 -9.89 -23.14
CA SER A 277 -13.72 -8.73 -22.26
C SER A 277 -12.33 -8.27 -21.86
N TYR A 278 -11.34 -9.18 -21.86
CA TYR A 278 -9.99 -8.73 -21.53
C TYR A 278 -9.50 -7.65 -22.52
N HIS A 279 -10.03 -7.65 -23.74
CA HIS A 279 -9.62 -6.63 -24.70
C HIS A 279 -10.05 -5.24 -24.27
N VAL A 280 -11.28 -5.10 -23.74
CA VAL A 280 -11.68 -3.77 -23.32
C VAL A 280 -11.08 -3.43 -21.97
N LYS A 281 -10.80 -4.43 -21.11
CA LYS A 281 -10.12 -4.14 -19.84
C LYS A 281 -8.71 -3.60 -20.09
N THR A 282 -8.00 -4.19 -21.06
CA THR A 282 -6.68 -3.70 -21.45
C THR A 282 -6.77 -2.28 -22.02
N ALA A 283 -7.78 -2.04 -22.87
CA ALA A 283 -7.92 -0.73 -23.47
C ALA A 283 -8.15 0.35 -22.41
N ILE A 284 -9.00 0.09 -21.42
CA ILE A 284 -9.25 1.13 -20.44
C ILE A 284 -8.06 1.31 -19.49
N PHE A 285 -7.23 0.27 -19.26
CA PHE A 285 -6.00 0.50 -18.50
C PHE A 285 -5.12 1.51 -19.22
N HIS A 286 -4.98 1.38 -20.55
CA HIS A 286 -4.22 2.37 -21.30
C HIS A 286 -4.86 3.74 -21.18
N MET A 287 -6.20 3.80 -21.22
CA MET A 287 -6.88 5.10 -21.14
C MET A 287 -6.66 5.73 -19.78
N TRP A 288 -6.70 4.91 -18.72
CA TRP A 288 -6.45 5.44 -17.38
C TRP A 288 -5.01 5.96 -17.26
N THR A 289 -4.08 5.42 -18.06
CA THR A 289 -2.71 5.90 -18.04
C THR A 289 -2.59 7.20 -18.83
N GLN A 290 -3.31 7.26 -19.95
CA GLN A 290 -3.32 8.44 -20.79
C GLN A 290 -3.96 9.64 -20.09
N ASP A 291 -5.06 9.42 -19.35
CA ASP A 291 -5.77 10.48 -18.64
C ASP A 291 -5.74 10.16 -17.15
N PRO A 292 -4.64 10.48 -16.45
CA PRO A 292 -4.48 9.98 -15.08
C PRO A 292 -5.23 10.76 -14.02
N GLN A 293 -5.62 12.01 -14.29
CA GLN A 293 -6.25 12.87 -13.30
C GLN A 293 -7.67 12.39 -12.99
N ASP A 294 -8.05 12.41 -11.70
CA ASP A 294 -9.41 12.01 -11.35
C ASP A 294 -10.44 12.96 -11.95
N SER A 295 -10.07 14.23 -12.14
CA SER A 295 -10.97 15.19 -12.76
C SER A 295 -11.21 14.92 -14.24
N GLN A 296 -10.44 14.03 -14.89
CA GLN A 296 -10.77 13.58 -16.23
C GLN A 296 -11.68 12.36 -16.23
N TRP A 297 -12.22 11.98 -15.08
CA TRP A 297 -13.25 10.95 -15.01
C TRP A 297 -14.35 11.39 -14.06
N ASP A 298 -14.73 12.66 -14.15
CA ASP A 298 -15.83 13.18 -13.35
C ASP A 298 -17.13 12.50 -13.74
N PRO A 299 -17.96 12.07 -12.77
CA PRO A 299 -19.26 11.45 -13.12
C PRO A 299 -20.15 12.33 -13.98
N ARG A 300 -19.99 13.65 -13.93
CA ARG A 300 -20.81 14.51 -14.79
C ARG A 300 -20.43 14.36 -16.25
N ASN A 301 -19.22 13.88 -16.54
CA ASN A 301 -18.75 13.76 -17.92
C ASN A 301 -18.76 12.30 -18.39
N LEU A 302 -19.67 11.49 -17.81
CA LEU A 302 -19.77 10.07 -18.16
C LEU A 302 -19.88 9.86 -19.68
N SER A 303 -20.70 10.68 -20.36
CA SER A 303 -20.89 10.54 -21.80
C SER A 303 -19.58 10.70 -22.55
N SER A 304 -18.90 11.82 -22.33
CA SER A 304 -17.67 12.07 -23.06
C SER A 304 -16.56 11.10 -22.64
N CYS A 305 -16.51 10.67 -21.36
CA CYS A 305 -15.52 9.67 -20.98
C CYS A 305 -15.78 8.35 -21.69
N PHE A 306 -17.04 7.93 -21.76
CA PHE A 306 -17.38 6.74 -22.53
C PHE A 306 -17.01 6.92 -23.99
N ASP A 307 -17.36 8.07 -24.57
CA ASP A 307 -17.05 8.33 -25.97
C ASP A 307 -15.55 8.30 -26.27
N LYS A 308 -14.73 8.88 -25.38
CA LYS A 308 -13.31 8.85 -25.67
C LYS A 308 -12.75 7.45 -25.54
N LEU A 309 -13.35 6.61 -24.69
CA LEU A 309 -12.92 5.22 -24.61
C LEU A 309 -13.28 4.48 -25.91
N LEU A 310 -14.51 4.68 -26.40
CA LEU A 310 -14.89 4.10 -27.69
C LEU A 310 -13.90 4.49 -28.78
N ALA A 311 -13.55 5.79 -28.85
CA ALA A 311 -12.69 6.28 -29.91
C ALA A 311 -11.29 5.69 -29.80
N PHE A 312 -10.75 5.57 -28.58
CA PHE A 312 -9.46 4.91 -28.42
C PHE A 312 -9.53 3.44 -28.85
N PHE A 313 -10.60 2.74 -28.47
CA PHE A 313 -10.79 1.35 -28.87
C PHE A 313 -10.87 1.21 -30.39
N LEU A 314 -11.63 2.11 -31.04
CA LEU A 314 -11.76 2.05 -32.50
C LEU A 314 -10.42 2.27 -33.19
N GLU A 315 -9.57 3.12 -32.61
CA GLU A 315 -8.25 3.34 -33.20
C GLU A 315 -7.36 2.10 -33.03
N CYS A 316 -7.50 1.39 -31.90
CA CYS A 316 -6.79 0.13 -31.71
C CYS A 316 -7.23 -0.91 -32.76
N LEU A 317 -8.53 -0.96 -33.06
CA LEU A 317 -9.04 -1.91 -34.04
C LEU A 317 -8.49 -1.58 -35.43
N ARG A 318 -8.60 -0.32 -35.84
CA ARG A 318 -8.23 0.04 -37.21
C ARG A 318 -6.71 -0.08 -37.43
N THR A 319 -5.91 0.31 -36.44
CA THR A 319 -4.46 0.17 -36.54
C THR A 319 -3.93 -1.19 -36.09
N GLU A 320 -4.80 -2.09 -35.60
CA GLU A 320 -4.43 -3.47 -35.32
C GLU A 320 -3.37 -3.57 -34.22
N LYS A 321 -3.55 -2.77 -33.17
CA LYS A 321 -2.54 -2.68 -32.12
C LYS A 321 -3.22 -2.46 -30.79
N LEU A 322 -3.05 -3.41 -29.88
CA LEU A 322 -3.53 -3.26 -28.51
C LEU A 322 -2.51 -3.98 -27.63
N ASP A 323 -1.54 -3.22 -27.13
CA ASP A 323 -0.46 -3.82 -26.36
C ASP A 323 -0.99 -4.34 -25.04
N HIS A 324 -0.57 -5.56 -24.70
CA HIS A 324 -0.77 -6.07 -23.35
C HIS A 324 -0.21 -5.07 -22.36
N TYR A 325 -0.98 -4.77 -21.31
CA TYR A 325 -0.63 -3.69 -20.39
C TYR A 325 0.62 -4.03 -19.58
N PHE A 326 0.84 -5.32 -19.29
CA PHE A 326 1.99 -5.78 -18.54
C PHE A 326 3.14 -6.28 -19.40
N ILE A 327 2.86 -6.65 -20.66
CA ILE A 327 3.87 -7.20 -21.54
C ILE A 327 3.81 -6.39 -22.83
N PRO A 328 4.55 -5.27 -22.92
CA PRO A 328 4.30 -4.33 -24.03
C PRO A 328 4.52 -4.91 -25.42
N LYS A 329 5.43 -5.86 -25.59
CA LYS A 329 5.65 -6.38 -26.94
C LYS A 329 4.60 -7.37 -27.38
N PHE A 330 3.69 -7.80 -26.51
CA PHE A 330 2.64 -8.74 -26.87
C PHE A 330 1.40 -7.98 -27.35
N ASN A 331 1.14 -8.03 -28.66
CA ASN A 331 0.02 -7.33 -29.29
C ASN A 331 -1.21 -8.23 -29.34
N LEU A 332 -2.24 -7.87 -28.57
CA LEU A 332 -3.49 -8.65 -28.53
C LEU A 332 -4.33 -8.50 -29.79
N PHE A 333 -4.04 -7.52 -30.66
CA PHE A 333 -4.78 -7.37 -31.91
C PHE A 333 -3.92 -7.69 -33.13
N SER A 334 -2.87 -8.49 -32.96
CA SER A 334 -2.06 -8.83 -34.12
C SER A 334 -2.90 -9.65 -35.10
N GLN A 335 -2.48 -9.64 -36.36
CA GLN A 335 -3.19 -10.43 -37.36
C GLN A 335 -3.16 -11.92 -37.02
N GLU A 336 -2.11 -12.36 -36.32
CA GLU A 336 -1.96 -13.76 -35.96
C GLU A 336 -2.98 -14.24 -34.94
N LEU A 337 -3.65 -13.32 -34.25
CA LEU A 337 -4.68 -13.69 -33.30
C LEU A 337 -6.08 -13.33 -33.77
N ILE A 338 -6.23 -12.25 -34.53
CA ILE A 338 -7.53 -11.74 -34.93
C ILE A 338 -7.41 -11.24 -36.36
N ASP A 339 -8.27 -11.75 -37.24
CA ASP A 339 -8.24 -11.38 -38.64
C ASP A 339 -8.64 -9.92 -38.84
N ARG A 340 -8.05 -9.29 -39.86
CA ARG A 340 -8.44 -7.92 -40.17
C ARG A 340 -9.93 -7.80 -40.44
N LYS A 341 -10.52 -8.82 -41.06
CA LYS A 341 -11.96 -8.83 -41.30
C LYS A 341 -12.74 -8.76 -39.99
N SER A 342 -12.31 -9.50 -38.96
CA SER A 342 -13.00 -9.44 -37.68
C SER A 342 -12.90 -8.05 -37.07
N LYS A 343 -11.73 -7.41 -37.19
CA LYS A 343 -11.57 -6.06 -36.62
C LYS A 343 -12.42 -5.03 -37.37
N GLU A 344 -12.45 -5.07 -38.71
CA GLU A 344 -13.28 -4.12 -39.45
C GLU A 344 -14.77 -4.32 -39.15
N PHE A 345 -15.21 -5.58 -39.00
CA PHE A 345 -16.59 -5.86 -38.62
C PHE A 345 -16.94 -5.20 -37.28
N LEU A 346 -16.12 -5.45 -36.25
CA LEU A 346 -16.40 -4.85 -34.94
C LEU A 346 -16.35 -3.32 -35.00
N SER A 347 -15.40 -2.77 -35.76
CA SER A 347 -15.30 -1.32 -35.92
C SER A 347 -16.60 -0.72 -36.45
N LYS A 348 -17.17 -1.32 -37.50
CA LYS A 348 -18.39 -0.76 -38.06
C LYS A 348 -19.55 -0.91 -37.07
N LYS A 349 -19.61 -2.04 -36.35
CA LYS A 349 -20.68 -2.22 -35.35
C LYS A 349 -20.58 -1.20 -34.23
N ILE A 350 -19.35 -0.89 -33.78
CA ILE A 350 -19.17 0.11 -32.72
C ILE A 350 -19.48 1.50 -33.25
N GLU A 351 -18.92 1.85 -34.41
CA GLU A 351 -19.26 3.11 -35.06
C GLU A 351 -20.77 3.28 -35.20
N TYR A 352 -21.48 2.19 -35.52
CA TYR A 352 -22.91 2.30 -35.72
C TYR A 352 -23.64 2.63 -34.42
N GLU A 353 -23.34 1.86 -33.35
CA GLU A 353 -23.96 2.12 -32.05
C GLU A 353 -23.73 3.56 -31.62
N ARG A 354 -22.47 3.99 -31.72
CA ARG A 354 -22.05 5.33 -31.33
C ARG A 354 -22.88 6.42 -31.99
N ASN A 355 -23.24 6.25 -33.26
CA ASN A 355 -23.86 7.32 -34.03
C ASN A 355 -25.36 7.15 -34.20
N ASN A 356 -25.96 6.19 -33.50
CA ASN A 356 -27.40 6.01 -33.56
C ASN A 356 -27.98 5.81 -32.16
N GLY A 357 -27.34 6.41 -31.15
CA GLY A 357 -27.88 6.41 -29.80
C GLY A 357 -27.86 5.08 -29.08
N PHE A 358 -26.92 4.20 -29.42
CA PHE A 358 -26.73 2.93 -28.74
C PHE A 358 -28.00 2.08 -28.62
N PRO A 359 -28.67 1.78 -29.74
CA PRO A 359 -29.88 0.94 -29.65
C PRO A 359 -29.63 -0.45 -29.06
N ILE A 360 -28.41 -0.99 -29.19
CA ILE A 360 -28.17 -2.32 -28.62
C ILE A 360 -28.22 -2.30 -27.09
N PHE A 361 -28.13 -1.12 -26.47
CA PHE A 361 -28.27 -1.05 -25.02
C PHE A 361 -29.69 -1.31 -24.55
N ASP A 362 -30.67 -1.21 -25.45
CA ASP A 362 -32.07 -1.35 -25.06
C ASP A 362 -32.63 -2.74 -25.31
N LYS A 363 -31.80 -3.68 -25.76
CA LYS A 363 -32.26 -5.03 -26.06
C LYS A 363 -32.39 -5.87 -24.79
N LYS B 6 15.14 33.80 -0.22
CA LYS B 6 14.99 34.16 1.20
C LYS B 6 14.78 32.90 2.05
N LEU B 7 13.52 32.44 2.13
CA LEU B 7 13.30 31.15 2.77
C LEU B 7 14.03 30.04 2.02
N LYS B 8 14.09 30.15 0.68
CA LYS B 8 14.91 29.25 -0.11
C LYS B 8 16.36 29.24 0.39
N LYS B 9 16.92 30.42 0.65
CA LYS B 9 18.30 30.51 1.11
C LYS B 9 18.48 29.86 2.47
N VAL B 10 17.50 30.01 3.36
CA VAL B 10 17.56 29.33 4.65
C VAL B 10 17.57 27.81 4.45
N LEU B 11 16.73 27.31 3.53
CA LEU B 11 16.69 25.86 3.30
C LEU B 11 18.00 25.36 2.71
N ASP B 12 18.69 26.17 1.89
CA ASP B 12 20.03 25.78 1.45
C ASP B 12 20.98 25.62 2.62
N LYS B 13 20.87 26.50 3.62
CA LYS B 13 21.72 26.38 4.80
C LYS B 13 21.39 25.12 5.58
N LEU B 14 20.11 24.79 5.71
CA LEU B 14 19.67 23.68 6.54
C LEU B 14 19.94 22.33 5.90
N ARG B 15 20.13 22.29 4.58
CA ARG B 15 20.26 21.02 3.89
C ARG B 15 21.53 20.30 4.33
N LEU B 16 21.41 19.00 4.62
CA LEU B 16 22.54 18.20 5.05
C LEU B 16 23.47 17.94 3.87
N LYS B 17 24.73 17.68 4.18
CA LYS B 17 25.74 17.45 3.17
C LYS B 17 25.94 15.96 2.97
N ARG B 18 26.07 15.56 1.70
CA ARG B 18 26.16 14.14 1.37
C ARG B 18 27.35 13.47 2.06
N LYS B 19 28.50 14.13 2.06
CA LYS B 19 29.66 13.57 2.77
C LYS B 19 29.41 13.46 4.28
N ASP B 20 28.84 14.50 4.90
CA ASP B 20 28.50 14.42 6.32
C ASP B 20 27.54 13.27 6.61
N ILE B 21 26.49 13.12 5.77
CA ILE B 21 25.55 12.02 5.99
C ILE B 21 26.29 10.68 5.98
N SER B 22 27.16 10.49 4.99
CA SER B 22 27.88 9.23 4.85
C SER B 22 28.71 8.91 6.09
N GLU B 23 29.50 9.87 6.57
CA GLU B 23 30.38 9.58 7.70
C GLU B 23 29.63 9.38 9.01
N ALA B 24 28.52 10.09 9.23
CA ALA B 24 27.78 9.90 10.47
C ALA B 24 27.11 8.53 10.49
N ALA B 25 26.45 8.17 9.39
CA ALA B 25 25.63 6.96 9.35
C ALA B 25 26.48 5.71 9.56
N GLU B 26 27.65 5.64 8.90
CA GLU B 26 28.44 4.43 9.03
C GLU B 26 28.96 4.25 10.46
N THR B 27 29.32 5.34 11.14
CA THR B 27 29.68 5.22 12.55
C THR B 27 28.46 4.85 13.40
N VAL B 28 27.33 5.54 13.19
CA VAL B 28 26.09 5.21 13.90
C VAL B 28 25.72 3.75 13.67
N ASN B 29 25.86 3.26 12.45
CA ASN B 29 25.36 1.91 12.19
C ASN B 29 26.26 0.84 12.81
N LYS B 30 27.57 1.09 12.87
CA LYS B 30 28.48 0.20 13.59
C LYS B 30 28.04 0.02 15.04
N VAL B 31 27.76 1.13 15.73
CA VAL B 31 27.45 1.10 17.15
C VAL B 31 26.10 0.41 17.38
N VAL B 32 25.08 0.79 16.61
CA VAL B 32 23.74 0.21 16.77
C VAL B 32 23.75 -1.28 16.47
N GLU B 33 24.41 -1.68 15.38
CA GLU B 33 24.47 -3.11 15.06
C GLU B 33 25.10 -3.91 16.20
N ARG B 34 26.20 -3.39 16.76
CA ARG B 34 26.85 -4.06 17.88
C ARG B 34 25.93 -4.14 19.09
N LEU B 35 25.14 -3.09 19.34
CA LEU B 35 24.22 -3.12 20.48
C LEU B 35 23.09 -4.12 20.24
N LEU B 36 22.49 -4.08 19.05
CA LEU B 36 21.41 -5.00 18.72
C LEU B 36 21.88 -6.45 18.78
N ARG B 37 23.11 -6.71 18.35
CA ARG B 37 23.67 -8.05 18.48
C ARG B 37 23.73 -8.46 19.95
N ARG B 38 24.17 -7.55 20.83
CA ARG B 38 24.34 -7.92 22.24
C ARG B 38 23.01 -8.29 22.89
N MET B 39 21.93 -7.58 22.54
CA MET B 39 20.62 -7.94 23.07
C MET B 39 20.18 -9.33 22.63
N GLN B 40 20.80 -9.87 21.60
CA GLN B 40 20.39 -11.14 21.01
C GLN B 40 21.30 -12.29 21.46
N LYS B 41 22.60 -12.16 21.20
CA LYS B 41 23.52 -13.28 21.29
C LYS B 41 23.82 -13.70 22.72
N ARG B 42 23.60 -12.83 23.70
CA ARG B 42 24.06 -13.09 25.05
C ARG B 42 22.95 -13.62 25.97
N GLU B 43 21.81 -14.01 25.40
CA GLU B 43 20.66 -14.50 26.16
C GLU B 43 20.27 -13.46 27.23
N SER B 44 19.91 -12.28 26.77
CA SER B 44 19.30 -11.30 27.64
C SER B 44 17.79 -11.52 27.67
N GLU B 45 17.13 -10.85 28.61
CA GLU B 45 15.67 -10.86 28.66
C GLU B 45 15.05 -10.18 27.44
N PHE B 46 15.85 -9.50 26.62
CA PHE B 46 15.38 -8.81 25.44
C PHE B 46 15.80 -9.52 24.15
N LYS B 47 16.11 -10.82 24.23
CA LYS B 47 16.32 -11.59 23.02
C LYS B 47 15.05 -11.55 22.18
N GLY B 48 15.20 -11.37 20.87
CA GLY B 48 14.09 -11.13 19.98
C GLY B 48 13.85 -9.67 19.64
N VAL B 49 14.49 -8.74 20.36
CA VAL B 49 14.32 -7.31 20.08
C VAL B 49 14.74 -7.02 18.65
N GLU B 50 14.02 -6.10 17.98
CA GLU B 50 14.31 -5.77 16.59
C GLU B 50 14.43 -4.27 16.41
N GLN B 51 15.13 -3.87 15.36
CA GLN B 51 15.44 -2.48 15.12
C GLN B 51 14.35 -1.80 14.30
N LEU B 52 13.96 -0.60 14.71
CA LEU B 52 13.08 0.26 13.92
C LEU B 52 13.69 1.64 13.95
N ASN B 53 14.14 2.13 12.80
CA ASN B 53 14.69 3.48 12.71
C ASN B 53 13.53 4.49 12.64
N THR B 54 13.64 5.58 13.41
CA THR B 54 12.56 6.57 13.58
C THR B 54 13.14 7.99 13.59
N GLY B 55 12.23 8.99 13.64
CA GLY B 55 12.63 10.39 13.82
C GLY B 55 13.12 11.08 12.56
N SER B 56 13.56 12.33 12.73
CA SER B 56 13.70 13.25 11.60
C SER B 56 14.71 12.76 10.55
N TYR B 57 15.81 12.14 10.99
CA TYR B 57 16.81 11.71 10.00
C TYR B 57 16.27 10.63 9.09
N TYR B 58 15.54 9.66 9.65
CA TYR B 58 14.98 8.65 8.78
C TYR B 58 13.70 9.14 8.09
N GLU B 59 13.16 10.26 8.52
CA GLU B 59 12.04 10.86 7.80
C GLU B 59 12.49 11.88 6.77
N HIS B 60 13.80 12.13 6.65
CA HIS B 60 14.37 13.13 5.73
C HIS B 60 13.96 14.57 6.07
N VAL B 61 13.72 14.88 7.33
CA VAL B 61 13.53 16.26 7.74
C VAL B 61 14.51 16.67 8.84
N LYS B 62 15.60 15.92 9.03
CA LYS B 62 16.68 16.44 9.86
C LYS B 62 17.27 17.67 9.20
N ILE B 63 17.60 18.69 10.00
CA ILE B 63 18.14 19.93 9.47
C ILE B 63 19.56 20.14 10.02
N SER B 64 20.32 21.01 9.33
CA SER B 64 21.61 21.55 9.79
C SER B 64 22.79 20.57 9.72
N ALA B 65 22.68 19.43 10.39
CA ALA B 65 23.76 18.46 10.43
C ALA B 65 23.15 17.12 10.80
N PRO B 66 23.71 16.02 10.31
CA PRO B 66 23.20 14.69 10.72
C PRO B 66 23.82 14.32 12.07
N ASN B 67 23.30 14.92 13.15
CA ASN B 67 23.92 14.78 14.46
C ASN B 67 22.98 14.25 15.54
N GLU B 68 21.80 13.76 15.18
CA GLU B 68 20.89 13.18 16.17
C GLU B 68 20.08 12.10 15.47
N PHE B 69 20.16 10.87 16.00
CA PHE B 69 19.55 9.68 15.40
C PHE B 69 18.68 8.98 16.41
N ASP B 70 17.51 8.53 15.99
CA ASP B 70 16.58 7.88 16.89
C ASP B 70 16.32 6.46 16.41
N VAL B 71 16.51 5.50 17.33
CA VAL B 71 16.38 4.08 17.00
C VAL B 71 15.52 3.39 18.05
N MET B 72 14.54 2.62 17.59
CA MET B 72 13.67 1.85 18.46
C MET B 72 14.15 0.41 18.49
N PHE B 73 14.24 -0.18 19.71
CA PHE B 73 14.45 -1.62 19.89
C PHE B 73 13.13 -2.20 20.40
N LYS B 74 12.41 -2.90 19.54
CA LYS B 74 11.03 -3.29 19.82
C LYS B 74 10.99 -4.77 20.19
N LEU B 75 10.09 -5.11 21.13
CA LEU B 75 10.00 -6.46 21.65
C LEU B 75 8.54 -6.88 21.71
N GLU B 76 8.16 -7.92 20.95
CA GLU B 76 6.82 -8.45 21.02
C GLU B 76 6.54 -9.05 22.40
N VAL B 77 5.39 -8.71 22.98
CA VAL B 77 4.89 -9.35 24.18
C VAL B 77 3.42 -9.72 23.95
N PRO B 78 3.05 -10.99 23.95
CA PRO B 78 1.64 -11.35 23.82
C PRO B 78 0.96 -11.38 25.17
N ARG B 79 -0.38 -11.30 25.13
CA ARG B 79 -1.18 -11.06 26.32
C ARG B 79 -0.57 -9.90 27.09
N ILE B 80 -0.85 -8.68 26.64
CA ILE B 80 -0.36 -7.49 27.31
C ILE B 80 -1.56 -6.69 27.78
N GLU B 81 -2.07 -7.03 28.96
CA GLU B 81 -3.26 -6.38 29.47
C GLU B 81 -2.95 -4.92 29.78
N LEU B 82 -3.74 -4.01 29.22
CA LEU B 82 -3.51 -2.57 29.31
C LEU B 82 -4.56 -1.92 30.20
N GLN B 83 -4.12 -1.09 31.13
CA GLN B 83 -5.03 -0.28 31.95
C GLN B 83 -4.63 1.18 31.83
N GLU B 84 -5.57 2.02 31.42
CA GLU B 84 -5.30 3.44 31.23
C GLU B 84 -5.00 4.10 32.57
N TYR B 85 -3.82 4.70 32.68
CA TYR B 85 -3.43 5.49 33.84
C TYR B 85 -4.36 6.70 33.94
N TYR B 86 -5.22 6.68 34.96
CA TYR B 86 -6.49 7.40 35.00
C TYR B 86 -6.62 8.56 34.02
N GLU B 87 -7.25 8.27 32.88
CA GLU B 87 -7.86 9.21 31.94
C GLU B 87 -6.87 10.06 31.14
N THR B 88 -5.57 9.76 31.18
CA THR B 88 -4.60 10.59 30.49
C THR B 88 -4.52 10.31 28.99
N GLY B 89 -4.96 9.13 28.54
CA GLY B 89 -4.93 8.78 27.12
C GLY B 89 -3.68 8.12 26.61
N ALA B 90 -2.52 8.71 26.91
CA ALA B 90 -1.26 8.22 26.38
C ALA B 90 -0.50 7.31 27.35
N PHE B 91 -0.88 7.29 28.62
CA PHE B 91 -0.13 6.60 29.66
C PHE B 91 -0.93 5.41 30.18
N TYR B 92 -0.27 4.26 30.29
CA TYR B 92 -0.90 2.99 30.66
C TYR B 92 -0.02 2.22 31.63
N LEU B 93 -0.67 1.31 32.37
CA LEU B 93 0.00 0.24 33.11
C LEU B 93 -0.14 -1.08 32.35
N VAL B 94 0.94 -1.85 32.31
CA VAL B 94 1.01 -3.11 31.57
C VAL B 94 0.86 -4.28 32.55
N LYS B 95 0.15 -5.32 32.13
CA LYS B 95 -0.09 -6.50 32.95
C LYS B 95 -0.12 -7.76 32.10
N PHE B 96 -0.12 -8.90 32.77
CA PHE B 96 -0.19 -10.21 32.10
C PHE B 96 -1.44 -10.99 32.50
N PRO B 104 10.70 -15.09 31.03
CA PRO B 104 11.80 -14.23 30.61
C PRO B 104 11.81 -12.88 31.36
N LEU B 105 10.80 -12.06 31.09
CA LEU B 105 10.66 -10.74 31.69
C LEU B 105 10.19 -10.81 33.13
N SER B 106 10.39 -11.96 33.79
CA SER B 106 9.76 -12.20 35.08
C SER B 106 10.26 -11.22 36.14
N HIS B 107 11.51 -10.77 36.02
CA HIS B 107 12.13 -9.90 37.01
C HIS B 107 11.67 -8.45 36.92
N PHE B 108 10.69 -8.15 36.06
CA PHE B 108 10.15 -6.79 36.00
C PHE B 108 8.67 -6.81 36.39
N GLU B 112 1.56 -7.99 39.74
CA GLU B 112 1.67 -8.41 38.34
C GLU B 112 1.69 -7.19 37.40
N VAL B 113 2.72 -6.35 37.50
CA VAL B 113 2.83 -5.14 36.69
C VAL B 113 4.23 -5.08 36.09
N LEU B 114 4.29 -4.91 34.77
CA LEU B 114 5.58 -4.78 34.09
C LEU B 114 6.09 -3.37 34.34
N SER B 115 6.99 -3.23 35.31
CA SER B 115 7.54 -1.94 35.68
C SER B 115 8.41 -1.39 34.56
N ALA B 116 8.02 -0.24 34.02
CA ALA B 116 8.83 0.42 33.00
C ALA B 116 10.22 0.76 33.54
N THR B 117 10.29 1.26 34.78
CA THR B 117 11.58 1.62 35.36
C THR B 117 12.50 0.41 35.46
N LYS B 118 11.97 -0.72 35.96
CA LYS B 118 12.81 -1.90 36.14
C LYS B 118 13.29 -2.43 34.80
N MET B 119 12.39 -2.48 33.80
CA MET B 119 12.79 -2.98 32.49
C MET B 119 13.83 -2.06 31.84
N LEU B 120 13.61 -0.74 31.89
CA LEU B 120 14.54 0.19 31.27
C LEU B 120 15.92 0.11 31.90
N SER B 121 15.99 -0.01 33.23
CA SER B 121 17.28 0.00 33.91
C SER B 121 18.15 -1.19 33.50
N LYS B 122 17.55 -2.39 33.37
CA LYS B 122 18.34 -3.53 32.91
C LYS B 122 18.75 -3.36 31.47
N PHE B 123 17.85 -2.84 30.64
CA PHE B 123 18.17 -2.50 29.26
C PHE B 123 19.31 -1.49 29.21
N ARG B 124 19.23 -0.46 30.05
CA ARG B 124 20.30 0.51 30.18
C ARG B 124 21.60 -0.16 30.64
N LYS B 125 21.52 -1.05 31.63
CA LYS B 125 22.74 -1.66 32.17
C LYS B 125 23.49 -2.43 31.09
N ILE B 126 22.75 -3.25 30.32
CA ILE B 126 23.35 -4.01 29.22
C ILE B 126 24.07 -3.06 28.26
N ILE B 127 23.40 -1.99 27.84
CA ILE B 127 23.97 -1.12 26.82
C ILE B 127 25.25 -0.49 27.33
N LYS B 128 25.28 -0.06 28.60
CA LYS B 128 26.48 0.55 29.16
C LYS B 128 27.64 -0.42 29.16
N GLU B 129 27.39 -1.70 29.46
CA GLU B 129 28.45 -2.69 29.45
C GLU B 129 29.01 -2.88 28.04
N GLU B 130 28.13 -3.01 27.04
CA GLU B 130 28.60 -3.17 25.67
C GLU B 130 29.35 -1.94 25.18
N VAL B 131 28.99 -0.75 25.68
CA VAL B 131 29.67 0.46 25.22
C VAL B 131 31.11 0.47 25.72
N LYS B 132 31.36 -0.12 26.89
CA LYS B 132 32.71 -0.16 27.44
C LYS B 132 33.66 -1.05 26.62
N GLU B 133 33.14 -1.93 25.78
CA GLU B 133 34.00 -2.78 24.96
C GLU B 133 34.26 -2.20 23.57
N ILE B 134 33.57 -1.14 23.18
CA ILE B 134 33.84 -0.54 21.88
C ILE B 134 35.14 0.25 21.97
N LYS B 135 36.16 -0.18 21.22
CA LYS B 135 37.48 0.43 21.23
C LYS B 135 37.83 1.21 19.97
N ASP B 136 37.03 1.12 18.91
CA ASP B 136 37.35 1.85 17.68
C ASP B 136 36.57 3.15 17.52
N ILE B 137 35.50 3.35 18.29
CA ILE B 137 34.71 4.58 18.21
C ILE B 137 34.70 5.22 19.60
N ASP B 138 34.82 6.54 19.62
CA ASP B 138 34.73 7.32 20.86
C ASP B 138 33.26 7.52 21.17
N VAL B 139 32.69 6.66 22.02
CA VAL B 139 31.26 6.68 22.33
C VAL B 139 31.07 6.46 23.82
N SER B 140 30.21 7.26 24.45
CA SER B 140 29.88 7.12 25.85
C SER B 140 28.37 7.18 26.03
N VAL B 141 27.90 6.83 27.22
CA VAL B 141 26.50 6.86 27.55
C VAL B 141 26.24 8.13 28.36
N GLU B 142 25.33 8.95 27.86
CA GLU B 142 24.96 10.18 28.53
C GLU B 142 24.27 9.86 29.85
N LYS B 143 24.55 10.69 30.87
CA LYS B 143 23.86 10.59 32.15
C LYS B 143 22.36 10.50 31.94
N GLU B 144 21.72 9.65 32.74
CA GLU B 144 20.29 9.41 32.59
C GLU B 144 19.49 10.65 32.98
N LYS B 145 18.48 10.96 32.17
CA LYS B 145 17.51 12.00 32.48
C LYS B 145 16.27 11.33 33.06
N PRO B 146 15.82 11.70 34.26
CA PRO B 146 14.69 11.00 34.89
C PRO B 146 13.43 11.04 34.05
N GLY B 147 12.60 10.02 34.25
CA GLY B 147 11.35 9.88 33.53
C GLY B 147 11.43 9.53 32.06
N SER B 148 12.60 9.79 31.39
CA SER B 148 12.76 9.71 29.94
C SER B 148 12.87 8.27 29.45
N PRO B 149 12.40 7.98 28.23
CA PRO B 149 12.45 6.60 27.72
C PRO B 149 13.75 6.20 27.06
N ALA B 150 14.68 7.12 26.84
CA ALA B 150 15.83 6.87 25.99
C ALA B 150 17.06 6.49 26.80
N VAL B 151 17.90 5.64 26.21
CA VAL B 151 19.31 5.55 26.55
C VAL B 151 20.05 6.29 25.45
N THR B 152 20.74 7.37 25.81
CA THR B 152 21.32 8.27 24.83
C THR B 152 22.82 8.06 24.75
N LEU B 153 23.31 7.83 23.53
CA LEU B 153 24.74 7.68 23.24
C LEU B 153 25.30 8.99 22.74
N LEU B 154 26.52 9.31 23.14
CA LEU B 154 27.25 10.48 22.64
C LEU B 154 28.45 9.97 21.85
N ILE B 155 28.45 10.20 20.55
CA ILE B 155 29.51 9.72 19.66
C ILE B 155 30.34 10.91 19.23
N ARG B 156 31.65 10.70 19.12
CA ARG B 156 32.53 11.66 18.48
C ARG B 156 33.44 11.00 17.45
N ASN B 157 32.99 10.88 16.20
CA ASN B 157 33.85 11.38 15.13
C ASN B 157 34.06 12.83 15.53
N PRO B 158 35.17 13.47 15.18
CA PRO B 158 35.44 14.81 15.73
C PRO B 158 34.18 15.63 16.03
N GLU B 159 33.14 15.48 15.20
CA GLU B 159 31.86 16.16 15.36
C GLU B 159 30.89 15.34 16.23
N GLU B 160 30.18 16.03 17.12
CA GLU B 160 29.30 15.34 18.07
C GLU B 160 28.07 14.77 17.37
N ILE B 161 27.67 13.57 17.78
CA ILE B 161 26.48 12.89 17.27
C ILE B 161 25.84 12.19 18.45
N SER B 162 24.54 12.39 18.66
CA SER B 162 23.88 11.67 19.74
C SER B 162 22.87 10.68 19.15
N VAL B 163 22.72 9.54 19.83
CA VAL B 163 21.84 8.47 19.37
C VAL B 163 20.94 8.06 20.53
N ASP B 164 19.62 8.20 20.36
CA ASP B 164 18.66 7.72 21.33
C ASP B 164 18.27 6.27 21.00
N ILE B 165 18.63 5.34 21.87
CA ILE B 165 18.13 3.99 21.81
C ILE B 165 16.87 3.91 22.65
N ILE B 166 15.74 3.57 22.02
CA ILE B 166 14.44 3.62 22.68
C ILE B 166 13.90 2.21 22.77
N LEU B 167 13.82 1.70 24.00
CA LEU B 167 13.17 0.42 24.25
C LEU B 167 11.67 0.54 23.99
N ALA B 168 11.10 -0.47 23.34
CA ALA B 168 9.68 -0.41 23.06
C ALA B 168 9.07 -1.79 23.21
N LEU B 169 7.87 -1.84 23.78
CA LEU B 169 7.04 -3.02 23.71
C LEU B 169 6.17 -2.93 22.46
N GLU B 170 6.06 -4.05 21.75
CA GLU B 170 5.25 -4.13 20.54
C GLU B 170 4.05 -5.04 20.79
N SER B 171 2.85 -4.54 20.54
CA SER B 171 1.62 -5.30 20.73
C SER B 171 0.85 -5.35 19.42
N LYS B 172 0.33 -6.54 19.09
CA LYS B 172 -0.32 -6.77 17.81
C LYS B 172 -1.85 -6.71 17.89
N GLY B 173 -2.41 -6.39 19.05
CA GLY B 173 -3.85 -6.21 19.14
C GLY B 173 -4.30 -4.89 18.51
N SER B 174 -5.62 -4.72 18.47
CA SER B 174 -6.15 -3.44 18.03
C SER B 174 -5.73 -2.33 18.99
N TRP B 175 -5.63 -1.12 18.45
CA TRP B 175 -5.10 0.01 19.20
C TRP B 175 -6.04 0.41 20.35
N PRO B 176 -5.50 0.97 21.43
CA PRO B 176 -6.35 1.28 22.59
C PRO B 176 -7.43 2.30 22.24
N ILE B 177 -8.54 2.24 22.98
CA ILE B 177 -9.77 2.95 22.60
C ILE B 177 -9.53 4.45 22.53
N SER B 178 -8.56 4.97 23.26
CA SER B 178 -8.31 6.40 23.24
C SER B 178 -7.81 6.90 21.89
N THR B 179 -7.36 6.01 21.00
CA THR B 179 -6.97 6.44 19.65
C THR B 179 -8.12 6.36 18.66
N LYS B 180 -9.31 5.94 19.09
CA LYS B 180 -10.37 5.61 18.12
C LYS B 180 -10.69 6.82 17.25
N GLU B 181 -10.65 8.02 17.81
CA GLU B 181 -10.87 9.24 17.07
C GLU B 181 -9.60 9.92 16.58
N GLY B 182 -8.43 9.32 16.79
CA GLY B 182 -7.20 9.91 16.32
C GLY B 182 -6.95 9.63 14.85
N LEU B 183 -5.76 9.98 14.39
CA LEU B 183 -5.31 9.74 13.02
C LEU B 183 -6.41 10.17 12.03
N PRO B 184 -6.81 11.44 12.08
CA PRO B 184 -8.02 11.84 11.34
C PRO B 184 -7.71 12.15 9.88
N ILE B 185 -7.16 11.15 9.16
CA ILE B 185 -6.58 11.33 7.84
C ILE B 185 -7.56 11.02 6.71
N GLN B 186 -8.84 10.78 7.05
CA GLN B 186 -9.79 10.21 6.08
C GLN B 186 -9.94 11.09 4.85
N GLY B 187 -9.89 12.42 5.02
CA GLY B 187 -10.13 13.29 3.89
C GLY B 187 -8.87 13.66 3.16
N TRP B 188 -7.73 13.07 3.58
CA TRP B 188 -6.40 13.45 3.12
C TRP B 188 -5.63 12.23 2.57
N LEU B 189 -5.29 11.25 3.42
CA LEU B 189 -4.72 9.99 2.94
C LEU B 189 -5.77 8.91 2.75
N GLY B 190 -6.95 9.02 3.36
CA GLY B 190 -8.05 8.16 3.00
C GLY B 190 -8.34 7.05 4.01
N THR B 191 -9.47 6.38 3.81
CA THR B 191 -9.92 5.38 4.78
C THR B 191 -9.13 4.08 4.68
N LYS B 192 -8.76 3.66 3.45
CA LYS B 192 -7.94 2.45 3.30
C LYS B 192 -6.58 2.65 3.95
N VAL B 193 -5.91 3.77 3.68
CA VAL B 193 -4.63 4.01 4.36
C VAL B 193 -4.82 3.98 5.87
N ARG B 194 -5.89 4.63 6.39
CA ARG B 194 -6.10 4.67 7.84
C ARG B 194 -6.33 3.27 8.42
N THR B 195 -7.22 2.50 7.80
CA THR B 195 -7.49 1.12 8.24
C THR B 195 -6.22 0.26 8.19
N ASN B 196 -5.41 0.42 7.13
CA ASN B 196 -4.18 -0.36 7.02
C ASN B 196 -3.17 0.05 8.08
N LEU B 197 -3.06 1.35 8.39
CA LEU B 197 -2.12 1.76 9.42
C LEU B 197 -2.52 1.22 10.79
N ARG B 198 -3.82 1.16 11.07
CA ARG B 198 -4.31 0.67 12.35
C ARG B 198 -4.27 -0.85 12.42
N ARG B 199 -4.01 -1.54 11.31
CA ARG B 199 -3.66 -2.96 11.34
C ARG B 199 -2.20 -3.21 11.70
N GLU B 200 -1.35 -2.19 11.70
CA GLU B 200 0.00 -2.31 12.23
C GLU B 200 -0.03 -2.43 13.76
N PRO B 201 1.02 -2.96 14.37
CA PRO B 201 1.09 -2.97 15.84
C PRO B 201 1.15 -1.57 16.43
N PHE B 202 0.84 -1.47 17.73
CA PHE B 202 1.08 -0.26 18.50
C PHE B 202 2.23 -0.50 19.48
N TYR B 203 2.84 0.61 19.93
CA TYR B 203 4.09 0.56 20.69
C TYR B 203 3.97 1.35 21.99
N LEU B 204 4.64 0.83 23.02
CA LEU B 204 4.63 1.40 24.35
C LEU B 204 6.08 1.60 24.77
N VAL B 205 6.33 2.75 25.36
CA VAL B 205 7.69 3.25 25.48
C VAL B 205 7.87 3.64 26.95
N PRO B 206 9.01 3.27 27.60
CA PRO B 206 9.15 3.42 29.06
C PRO B 206 9.39 4.87 29.47
N LYS B 207 8.42 5.73 29.12
CA LYS B 207 8.40 7.12 29.55
C LYS B 207 7.45 7.18 30.73
N ASN B 208 7.93 7.72 31.84
CA ASN B 208 7.10 7.74 33.03
C ASN B 208 6.25 9.00 33.07
N ALA B 209 5.03 8.85 33.59
CA ALA B 209 4.17 9.98 33.93
C ALA B 209 4.58 10.54 35.30
N LYS B 210 3.85 11.57 35.76
CA LYS B 210 4.09 12.15 37.09
C LYS B 210 2.81 12.13 37.93
N GLN B 216 3.76 5.90 38.67
CA GLN B 216 4.73 6.79 38.04
C GLN B 216 5.89 6.01 37.44
N GLY B 217 6.54 5.18 38.24
CA GLY B 217 7.66 4.40 37.75
C GLY B 217 7.28 3.18 36.94
N GLU B 218 6.00 2.80 36.93
CA GLU B 218 5.58 1.64 36.18
C GLU B 218 4.89 2.01 34.86
N THR B 219 4.57 3.28 34.66
CA THR B 219 3.78 3.70 33.51
C THR B 219 4.62 3.68 32.23
N TRP B 220 3.99 3.25 31.13
CA TRP B 220 4.51 3.40 29.78
C TRP B 220 3.66 4.38 29.02
N ARG B 221 4.15 4.78 27.83
CA ARG B 221 3.45 5.74 26.98
C ARG B 221 3.42 5.25 25.53
N LEU B 222 2.31 5.50 24.86
CA LEU B 222 2.16 5.06 23.47
C LEU B 222 3.12 5.82 22.56
N SER B 223 3.66 5.10 21.59
CA SER B 223 4.51 5.68 20.56
C SER B 223 3.93 5.33 19.19
N PHE B 224 3.86 6.32 18.32
CA PHE B 224 3.37 6.15 16.97
C PHE B 224 4.42 6.55 15.94
N SER B 225 5.70 6.54 16.35
CA SER B 225 6.82 6.86 15.49
C SER B 225 6.79 6.11 14.17
N HIS B 226 6.34 4.85 14.19
CA HIS B 226 6.28 4.10 12.95
C HIS B 226 5.20 4.66 12.03
N THR B 227 4.04 5.03 12.59
CA THR B 227 2.97 5.63 11.79
C THR B 227 3.38 7.00 11.24
N GLU B 228 4.06 7.80 12.07
CA GLU B 228 4.53 9.12 11.65
C GLU B 228 5.56 9.04 10.51
N LYS B 229 6.49 8.08 10.59
CA LYS B 229 7.43 7.84 9.49
C LYS B 229 6.70 7.54 8.18
N TYR B 230 5.73 6.62 8.21
CA TYR B 230 4.96 6.33 7.00
C TYR B 230 4.29 7.58 6.44
N ILE B 231 3.68 8.38 7.32
CA ILE B 231 3.00 9.59 6.87
C ILE B 231 3.98 10.55 6.22
N LEU B 232 5.16 10.74 6.83
CA LEU B 232 6.14 11.69 6.29
C LEU B 232 6.56 11.31 4.88
N ASN B 233 6.70 10.01 4.62
CA ASN B 233 7.16 9.55 3.33
C ASN B 233 6.01 9.20 2.38
N ASN B 234 4.74 9.41 2.80
CA ASN B 234 3.55 9.18 1.98
C ASN B 234 2.51 10.26 2.30
N HIS B 235 2.87 11.52 2.07
CA HIS B 235 2.20 12.66 2.68
C HIS B 235 1.22 13.37 1.75
N GLY B 236 1.13 12.97 0.49
CA GLY B 236 0.30 13.71 -0.44
C GLY B 236 -1.10 13.14 -0.55
N ILE B 237 -2.03 13.96 -1.03
CA ILE B 237 -3.31 13.38 -1.43
C ILE B 237 -3.20 12.67 -2.78
N GLU B 238 -2.32 13.12 -3.67
CA GLU B 238 -1.99 12.36 -4.88
C GLU B 238 -0.87 11.39 -4.56
N LYS B 239 -0.95 10.20 -5.15
CA LYS B 239 0.05 9.16 -4.93
C LYS B 239 1.41 9.57 -5.47
N THR B 240 1.46 10.46 -6.46
CA THR B 240 2.74 10.84 -7.07
C THR B 240 3.40 12.03 -6.38
N CYS B 241 2.80 12.57 -5.32
CA CYS B 241 3.39 13.73 -4.66
C CYS B 241 4.85 13.45 -4.28
N CYS B 242 5.74 14.35 -4.71
CA CYS B 242 7.18 14.32 -4.51
C CYS B 242 7.88 13.08 -5.10
N GLU B 243 7.26 12.31 -6.01
CA GLU B 243 7.97 11.21 -6.68
C GLU B 243 8.54 11.71 -8.01
N SER B 244 9.36 10.87 -8.64
CA SER B 244 10.02 11.29 -9.87
C SER B 244 9.04 11.52 -11.04
N SER B 245 7.84 10.96 -11.02
CA SER B 245 6.85 11.32 -12.07
C SER B 245 5.68 12.10 -11.49
N GLY B 246 5.85 12.74 -10.35
CA GLY B 246 4.87 13.68 -9.84
C GLY B 246 5.45 15.07 -9.69
N ALA B 247 4.77 15.92 -8.91
CA ALA B 247 5.26 17.26 -8.64
C ALA B 247 5.67 17.36 -7.17
N LYS B 248 6.73 18.12 -6.93
CA LYS B 248 7.15 18.48 -5.57
C LYS B 248 6.06 19.28 -4.86
N CYS B 249 5.94 19.07 -3.55
CA CYS B 249 5.20 19.95 -2.66
C CYS B 249 6.20 20.57 -1.68
N CYS B 250 5.75 21.53 -0.87
CA CYS B 250 6.65 22.11 0.12
C CYS B 250 6.28 21.71 1.55
N ARG B 251 5.62 20.56 1.72
CA ARG B 251 5.21 20.16 3.07
C ARG B 251 6.43 19.99 3.99
N LYS B 252 7.45 19.26 3.54
CA LYS B 252 8.57 18.94 4.42
C LYS B 252 9.42 20.19 4.67
N GLU B 253 9.53 21.04 3.65
CA GLU B 253 10.31 22.27 3.81
C GLU B 253 9.69 23.19 4.86
N CYS B 254 8.35 23.25 4.90
CA CYS B 254 7.68 24.03 5.93
C CYS B 254 7.96 23.45 7.31
N LEU B 255 7.94 22.12 7.42
CA LEU B 255 8.32 21.49 8.67
C LEU B 255 9.74 21.86 9.03
N LYS B 256 10.66 21.78 8.07
CA LYS B 256 12.06 22.15 8.36
C LYS B 256 12.16 23.59 8.85
N LEU B 257 11.53 24.53 8.13
CA LEU B 257 11.56 25.93 8.54
C LEU B 257 11.02 26.11 9.96
N MET B 258 9.90 25.45 10.28
CA MET B 258 9.33 25.63 11.62
C MET B 258 10.20 24.97 12.68
N LYS B 259 10.75 23.79 12.39
CA LYS B 259 11.71 23.19 13.32
C LYS B 259 12.87 24.13 13.57
N TYR B 260 13.38 24.77 12.51
CA TYR B 260 14.53 25.68 12.66
C TYR B 260 14.17 26.91 13.50
N LEU B 261 12.99 27.51 13.27
CA LEU B 261 12.59 28.65 14.08
C LEU B 261 12.63 28.29 15.57
N LEU B 262 12.09 27.12 15.92
CA LEU B 262 12.07 26.72 17.32
C LEU B 262 13.47 26.36 17.83
N GLU B 263 14.27 25.63 17.03
CA GLU B 263 15.63 25.29 17.46
C GLU B 263 16.44 26.55 17.77
N GLN B 264 16.37 27.55 16.89
CA GLN B 264 17.09 28.80 17.10
C GLN B 264 16.59 29.53 18.33
N LEU B 265 15.27 29.54 18.54
CA LEU B 265 14.72 30.21 19.72
C LEU B 265 15.07 29.46 21.00
N LYS B 266 15.09 28.13 20.96
CA LYS B 266 15.41 27.37 22.16
C LYS B 266 16.87 27.54 22.57
N LYS B 267 17.78 27.68 21.59
CA LYS B 267 19.18 27.98 21.87
C LYS B 267 19.32 29.27 22.67
N GLU B 268 18.55 30.29 22.30
CA GLU B 268 18.69 31.60 22.92
C GLU B 268 18.07 31.66 24.30
N PHE B 269 16.85 31.14 24.42
CA PHE B 269 15.98 31.44 25.55
C PHE B 269 15.76 30.18 26.37
N GLN B 270 16.21 30.21 27.63
CA GLN B 270 16.02 29.08 28.52
C GLN B 270 14.56 28.94 28.95
N GLU B 271 13.77 30.02 28.82
CA GLU B 271 12.33 29.98 29.04
C GLU B 271 11.61 28.94 28.17
N LEU B 272 12.24 28.44 27.11
CA LEU B 272 11.62 27.53 26.15
C LEU B 272 12.03 26.09 26.33
N ASP B 273 12.65 25.76 27.46
CA ASP B 273 13.09 24.38 27.69
C ASP B 273 11.93 23.40 27.58
N ALA B 274 10.71 23.83 27.91
CA ALA B 274 9.54 22.95 27.86
C ALA B 274 9.05 22.63 26.44
N PHE B 275 9.51 23.35 25.43
CA PHE B 275 9.07 23.08 24.07
C PHE B 275 10.02 22.11 23.40
N CYS B 276 9.51 21.38 22.40
CA CYS B 276 10.32 20.42 21.67
C CYS B 276 9.84 20.32 20.23
N SER B 277 10.69 19.74 19.38
CA SER B 277 10.35 19.57 17.98
C SER B 277 9.05 18.79 17.80
N TYR B 278 8.75 17.85 18.71
CA TYR B 278 7.50 17.09 18.56
C TYR B 278 6.28 18.00 18.58
N HIS B 279 6.36 19.16 19.23
CA HIS B 279 5.23 20.09 19.19
C HIS B 279 5.03 20.64 17.79
N VAL B 280 6.13 20.92 17.10
CA VAL B 280 6.05 21.41 15.72
C VAL B 280 5.54 20.31 14.80
N LYS B 281 6.02 19.07 15.00
CA LYS B 281 5.56 17.95 14.18
C LYS B 281 4.06 17.73 14.33
N THR B 282 3.57 17.75 15.58
CA THR B 282 2.15 17.59 15.83
C THR B 282 1.34 18.70 15.17
N ALA B 283 1.79 19.94 15.32
CA ALA B 283 1.05 21.04 14.73
C ALA B 283 0.96 20.91 13.20
N ILE B 284 2.04 20.46 12.54
CA ILE B 284 1.94 20.40 11.08
C ILE B 284 1.14 19.18 10.62
N PHE B 285 1.08 18.13 11.43
CA PHE B 285 0.16 17.03 11.10
C PHE B 285 -1.27 17.56 11.05
N HIS B 286 -1.65 18.41 12.02
CA HIS B 286 -2.99 19.02 11.98
C HIS B 286 -3.15 19.93 10.76
N MET B 287 -2.13 20.76 10.47
CA MET B 287 -2.21 21.64 9.30
C MET B 287 -2.32 20.84 8.01
N TRP B 288 -1.55 19.74 7.89
CA TRP B 288 -1.67 18.91 6.70
C TRP B 288 -3.08 18.31 6.58
N THR B 289 -3.78 18.10 7.71
CA THR B 289 -5.15 17.58 7.69
C THR B 289 -6.15 18.66 7.28
N GLN B 290 -5.97 19.87 7.82
CA GLN B 290 -6.78 21.04 7.45
C GLN B 290 -6.68 21.37 5.97
N ASP B 291 -5.46 21.32 5.41
CA ASP B 291 -5.19 21.71 4.03
C ASP B 291 -4.67 20.49 3.29
N PRO B 292 -5.55 19.57 2.91
CA PRO B 292 -5.08 18.28 2.36
C PRO B 292 -4.59 18.36 0.91
N GLN B 293 -5.06 19.32 0.13
CA GLN B 293 -4.75 19.30 -1.30
C GLN B 293 -3.28 19.61 -1.54
N ASP B 294 -2.66 18.85 -2.45
CA ASP B 294 -1.24 19.08 -2.72
C ASP B 294 -1.01 20.46 -3.32
N SER B 295 -2.01 20.98 -4.04
CA SER B 295 -1.88 22.32 -4.60
C SER B 295 -1.87 23.38 -3.50
N GLN B 296 -2.37 23.06 -2.30
CA GLN B 296 -2.28 23.99 -1.18
C GLN B 296 -0.87 24.03 -0.59
N TRP B 297 0.05 23.22 -1.11
CA TRP B 297 1.44 23.19 -0.66
C TRP B 297 2.39 23.30 -1.85
N ASP B 298 2.02 24.14 -2.82
CA ASP B 298 2.84 24.39 -3.99
C ASP B 298 4.19 24.99 -3.58
N PRO B 299 5.30 24.53 -4.18
CA PRO B 299 6.60 25.14 -3.87
C PRO B 299 6.63 26.64 -4.14
N ARG B 300 5.92 27.14 -5.16
CA ARG B 300 5.84 28.58 -5.41
C ARG B 300 5.18 29.35 -4.28
N ASN B 301 4.48 28.68 -3.37
CA ASN B 301 3.77 29.34 -2.27
C ASN B 301 4.41 29.05 -0.93
N LEU B 302 5.73 28.84 -0.92
CA LEU B 302 6.41 28.47 0.32
C LEU B 302 6.16 29.50 1.43
N SER B 303 6.23 30.79 1.11
CA SER B 303 6.10 31.82 2.15
C SER B 303 4.71 31.79 2.79
N SER B 304 3.66 31.79 1.96
CA SER B 304 2.29 31.67 2.44
C SER B 304 2.11 30.45 3.32
N CYS B 305 2.59 29.29 2.85
CA CYS B 305 2.44 28.05 3.62
C CYS B 305 3.15 28.14 4.97
N PHE B 306 4.38 28.68 5.00
CA PHE B 306 5.08 28.84 6.26
C PHE B 306 4.31 29.79 7.18
N ASP B 307 3.82 30.91 6.64
CA ASP B 307 3.09 31.87 7.45
C ASP B 307 1.81 31.27 8.04
N LYS B 308 1.05 30.49 7.25
CA LYS B 308 -0.16 29.90 7.81
C LYS B 308 0.16 28.83 8.85
N LEU B 309 1.29 28.14 8.71
CA LEU B 309 1.74 27.26 9.80
C LEU B 309 2.05 28.06 11.07
N LEU B 310 2.72 29.22 10.92
CA LEU B 310 2.99 30.10 12.05
C LEU B 310 1.69 30.53 12.73
N ALA B 311 0.74 31.04 11.94
CA ALA B 311 -0.54 31.49 12.47
C ALA B 311 -1.26 30.36 13.20
N PHE B 312 -1.22 29.14 12.65
CA PHE B 312 -1.89 28.04 13.33
C PHE B 312 -1.16 27.68 14.64
N PHE B 313 0.18 27.67 14.62
CA PHE B 313 0.92 27.41 15.86
C PHE B 313 0.63 28.47 16.91
N LEU B 314 0.59 29.75 16.50
CA LEU B 314 0.23 30.82 17.44
C LEU B 314 -1.18 30.65 17.98
N GLU B 315 -2.10 30.13 17.15
CA GLU B 315 -3.47 29.92 17.63
C GLU B 315 -3.51 28.82 18.67
N CYS B 316 -2.70 27.77 18.49
CA CYS B 316 -2.55 26.74 19.52
C CYS B 316 -1.96 27.29 20.81
N LEU B 317 -1.00 28.22 20.71
CA LEU B 317 -0.46 28.84 21.91
C LEU B 317 -1.54 29.65 22.62
N ARG B 318 -2.28 30.48 21.87
CA ARG B 318 -3.25 31.40 22.48
C ARG B 318 -4.34 30.61 23.19
N THR B 319 -4.87 29.60 22.54
CA THR B 319 -5.93 28.78 23.13
C THR B 319 -5.39 27.72 24.09
N GLU B 320 -4.07 27.53 24.17
CA GLU B 320 -3.46 26.54 25.06
C GLU B 320 -3.96 25.13 24.70
N LYS B 321 -3.92 24.80 23.41
CA LYS B 321 -4.54 23.57 22.95
C LYS B 321 -3.79 23.05 21.72
N LEU B 322 -3.01 21.99 21.90
CA LEU B 322 -2.31 21.29 20.81
C LEU B 322 -2.53 19.81 21.08
N ASP B 323 -3.57 19.25 20.48
CA ASP B 323 -3.92 17.87 20.78
C ASP B 323 -2.97 16.91 20.08
N HIS B 324 -2.55 15.89 20.83
CA HIS B 324 -1.86 14.76 20.27
C HIS B 324 -2.60 14.24 19.05
N TYR B 325 -1.87 14.06 17.95
CA TYR B 325 -2.52 13.75 16.66
C TYR B 325 -3.14 12.36 16.67
N PHE B 326 -2.61 11.45 17.49
CA PHE B 326 -3.14 10.11 17.57
C PHE B 326 -4.07 9.90 18.76
N ILE B 327 -4.06 10.80 19.74
CA ILE B 327 -4.74 10.64 21.02
C ILE B 327 -5.41 11.98 21.32
N PRO B 328 -6.60 12.23 20.79
CA PRO B 328 -7.13 13.60 20.77
C PRO B 328 -7.39 14.21 22.14
N LYS B 329 -7.68 13.41 23.17
CA LYS B 329 -7.94 14.02 24.47
C LYS B 329 -6.66 14.44 25.20
N PHE B 330 -5.49 14.10 24.66
CA PHE B 330 -4.21 14.40 25.30
C PHE B 330 -3.70 15.73 24.77
N ASN B 331 -3.82 16.78 25.59
CA ASN B 331 -3.47 18.14 25.21
C ASN B 331 -2.00 18.40 25.57
N LEU B 332 -1.13 18.42 24.55
CA LEU B 332 0.29 18.68 24.79
C LEU B 332 0.54 20.10 25.30
N PHE B 333 -0.40 21.03 25.14
CA PHE B 333 -0.23 22.39 25.64
C PHE B 333 -1.05 22.63 26.90
N SER B 334 -1.41 21.59 27.64
CA SER B 334 -2.17 21.77 28.85
C SER B 334 -1.38 22.59 29.86
N GLN B 335 -2.12 23.17 30.83
CA GLN B 335 -1.46 23.89 31.91
C GLN B 335 -0.50 22.98 32.67
N GLU B 336 -0.90 21.73 32.87
CA GLU B 336 -0.10 20.78 33.64
C GLU B 336 1.25 20.52 33.01
N LEU B 337 1.34 20.55 31.68
CA LEU B 337 2.60 20.19 31.01
C LEU B 337 3.48 21.40 30.71
N ILE B 338 2.88 22.53 30.34
CA ILE B 338 3.64 23.72 29.94
C ILE B 338 2.95 24.92 30.58
N ASP B 339 3.70 25.70 31.35
CA ASP B 339 3.12 26.82 32.07
C ASP B 339 2.60 27.89 31.11
N ARG B 340 1.49 28.52 31.49
CA ARG B 340 0.90 29.57 30.67
C ARG B 340 1.93 30.63 30.29
N LYS B 341 2.82 30.98 31.21
CA LYS B 341 3.82 32.03 30.94
C LYS B 341 4.80 31.60 29.85
N SER B 342 5.21 30.33 29.85
CA SER B 342 6.07 29.85 28.76
C SER B 342 5.38 30.01 27.40
N LYS B 343 4.10 29.68 27.33
CA LYS B 343 3.41 29.77 26.05
C LYS B 343 3.27 31.22 25.60
N GLU B 344 3.05 32.14 26.55
CA GLU B 344 2.98 33.54 26.17
C GLU B 344 4.34 34.10 25.79
N PHE B 345 5.40 33.62 26.41
CA PHE B 345 6.74 34.03 25.99
C PHE B 345 7.02 33.55 24.56
N LEU B 346 6.73 32.28 24.26
CA LEU B 346 6.99 31.80 22.90
C LEU B 346 6.14 32.53 21.88
N SER B 347 4.93 32.93 22.26
CA SER B 347 4.07 33.70 21.36
C SER B 347 4.71 35.03 20.99
N LYS B 348 5.25 35.75 21.99
CA LYS B 348 5.89 37.03 21.70
C LYS B 348 7.11 36.82 20.81
N LYS B 349 7.93 35.82 21.11
CA LYS B 349 9.15 35.64 20.32
C LYS B 349 8.82 35.30 18.88
N ILE B 350 7.81 34.46 18.65
CA ILE B 350 7.43 34.09 17.29
C ILE B 350 6.77 35.26 16.57
N GLU B 351 5.85 35.96 17.26
CA GLU B 351 5.21 37.13 16.66
C GLU B 351 6.26 38.15 16.20
N TYR B 352 7.28 38.38 17.02
CA TYR B 352 8.37 39.29 16.66
C TYR B 352 9.11 38.83 15.41
N GLU B 353 9.58 37.58 15.41
CA GLU B 353 10.30 37.06 14.23
C GLU B 353 9.45 37.22 12.97
N ARG B 354 8.15 36.92 13.07
CA ARG B 354 7.25 36.98 11.92
C ARG B 354 7.11 38.41 11.40
N ASN B 355 7.01 39.37 12.32
CA ASN B 355 6.76 40.76 11.93
C ASN B 355 8.00 41.48 11.45
N ASN B 356 9.17 40.83 11.45
CA ASN B 356 10.40 41.52 11.08
C ASN B 356 11.23 40.73 10.08
N GLY B 357 10.64 39.75 9.41
CA GLY B 357 11.37 39.01 8.40
C GLY B 357 12.36 38.03 8.96
N PHE B 358 12.08 37.47 10.14
CA PHE B 358 12.88 36.40 10.72
C PHE B 358 14.37 36.72 10.83
N PRO B 359 14.74 37.74 11.60
CA PRO B 359 16.18 37.99 11.80
C PRO B 359 16.92 36.79 12.40
N ILE B 360 16.25 35.97 13.21
CA ILE B 360 16.95 34.86 13.83
C ILE B 360 17.40 33.82 12.81
N PHE B 361 16.89 33.90 11.57
CA PHE B 361 17.34 32.99 10.52
C PHE B 361 18.71 33.36 9.97
N ASP B 362 19.22 34.56 10.29
CA ASP B 362 20.52 35.01 9.81
C ASP B 362 21.66 34.73 10.78
N LYS B 363 21.40 34.11 11.93
CA LYS B 363 22.46 33.85 12.91
C LYS B 363 23.04 32.45 12.78
PG ATP G . -16.21 -10.92 -17.30
O1G ATP G . -16.31 -10.97 -18.78
O2G ATP G . -17.27 -10.06 -16.63
O3G ATP G . -16.21 -12.28 -16.60
PB ATP G . -13.40 -10.77 -16.26
O1B ATP G . -12.45 -9.64 -16.12
O2B ATP G . -13.73 -11.58 -15.01
O3B ATP G . -14.80 -10.27 -16.86
PA ATP G . -12.76 -13.39 -17.54
O1A ATP G . -12.79 -13.73 -18.98
O2A ATP G . -13.75 -14.04 -16.61
O3A ATP G . -12.93 -11.79 -17.39
O5' ATP G . -11.28 -13.65 -17.05
C5' ATP G . -10.91 -13.55 -15.66
C4' ATP G . -9.54 -12.91 -15.56
O4' ATP G . -8.54 -13.70 -16.24
C3' ATP G . -9.44 -11.52 -16.20
O3' ATP G . -9.98 -10.50 -15.36
C2' ATP G . -7.94 -11.41 -16.48
O2' ATP G . -7.18 -10.99 -15.35
C1' ATP G . -7.59 -12.85 -16.86
N9 ATP G . -7.62 -13.06 -18.31
C8 ATP G . -8.72 -13.36 -19.07
N7 ATP G . -8.48 -13.44 -20.36
C5 ATP G . -7.13 -13.12 -20.45
C6 ATP G . -6.25 -13.02 -21.54
N6 ATP G . -6.62 -13.23 -22.81
N1 ATP G . -4.97 -12.68 -21.30
C2 ATP G . -4.60 -12.47 -20.03
N3 ATP G . -5.34 -12.53 -18.92
C4 ATP G . -6.60 -12.87 -19.19
PG DGT H . -11.51 -15.78 -25.84
O1G DGT H . -10.38 -14.85 -26.23
O2G DGT H . -12.66 -15.76 -26.84
O3G DGT H . -11.97 -15.56 -24.41
O3B DGT H . -10.90 -17.29 -25.88
PB DGT H . -9.69 -18.03 -25.15
O1B DGT H . -9.67 -19.48 -25.54
O2B DGT H . -8.45 -17.21 -25.32
O3A DGT H . -10.14 -17.95 -23.61
PA DGT H . -9.28 -18.03 -22.25
O1A DGT H . -8.22 -19.06 -22.44
O2A DGT H . -8.86 -16.65 -21.87
O5' DGT H . -10.35 -18.56 -21.17
C5' DGT H . -11.21 -17.61 -20.50
C4' DGT H . -11.29 -17.94 -19.03
O4' DGT H . -10.04 -18.52 -18.59
C3' DGT H . -11.59 -16.75 -18.11
O3' DGT H . -12.98 -16.65 -17.79
C2' DGT H . -10.73 -17.02 -16.88
C1' DGT H . -9.57 -17.87 -17.40
N9 DGT H . -8.30 -17.20 -17.72
C8 DGT H . -7.73 -17.06 -18.98
N7 DGT H . -6.57 -16.45 -18.93
C5 DGT H . -6.35 -16.18 -17.58
C6 DGT H . -5.25 -15.55 -16.94
O6 DGT H . -4.23 -15.06 -17.44
N1 DGT H . -5.43 -15.49 -15.56
C2 DGT H . -6.53 -15.98 -14.88
N2 DGT H . -6.52 -15.82 -13.55
N3 DGT H . -7.56 -16.59 -15.49
C4 DGT H . -7.41 -16.65 -16.82
MG MG I . -15.19 -13.31 -15.28
ZN ZN J . -12.73 6.47 -8.36
PG ATP K . 14.65 16.34 15.69
O1G ATP K . 14.38 17.45 16.67
O2G ATP K . 15.13 16.81 14.33
O3G ATP K . 15.60 15.28 16.23
PB ATP K . 12.62 14.14 15.74
O1B ATP K . 11.30 13.85 15.07
O2B ATP K . 13.70 13.06 15.44
O3B ATP K . 13.28 15.52 15.38
PA ATP K . 13.12 13.53 18.63
O1A ATP K . 13.01 14.43 19.80
O2A ATP K . 14.51 13.08 18.18
O3A ATP K . 12.47 14.25 17.33
O5' ATP K . 12.18 12.28 18.87
C5' ATP K . 12.16 11.16 17.95
C4' ATP K . 10.76 10.65 17.74
O4' ATP K . 10.19 10.17 18.97
C3' ATP K . 9.75 11.68 17.23
O3' ATP K . 9.85 11.88 15.83
C2' ATP K . 8.42 11.06 17.67
O2' ATP K . 8.00 9.98 16.84
C1' ATP K . 8.81 10.50 19.04
N9 ATP K . 8.60 11.49 20.10
C8 ATP K . 9.46 12.47 20.51
N7 ATP K . 8.98 13.24 21.48
C5 ATP K . 7.71 12.72 21.70
C6 ATP K . 6.68 13.08 22.58
N6 ATP K . 6.77 14.08 23.47
N1 ATP K . 5.54 12.35 22.54
C2 ATP K . 5.44 11.35 21.67
N3 ATP K . 6.35 10.92 20.78
C4 ATP K . 7.47 11.65 20.85
PG DGT L . 10.58 16.22 28.50
O1G DGT L . 9.19 15.64 28.62
O2G DGT L . 10.79 17.40 29.42
O3G DGT L . 10.96 16.54 27.07
O3B DGT L . 11.61 15.08 29.03
PB DGT L . 12.10 13.59 28.70
O1B DGT L . 13.45 13.66 28.07
O2B DGT L . 11.91 12.77 29.95
O3A DGT L . 11.05 13.03 27.63
PA DGT L . 10.83 13.15 26.05
O1A DGT L . 9.39 12.81 25.80
O2A DGT L . 11.37 14.46 25.58
O5' DGT L . 11.77 11.96 25.46
C5' DGT L . 13.20 12.16 25.30
C4' DGT L . 13.63 11.57 23.97
O4' DGT L . 13.25 10.18 23.89
C3' DGT L . 13.00 12.19 22.73
O3' DGT L . 13.61 13.43 22.36
C2' DGT L . 13.26 11.09 21.71
C1' DGT L . 12.89 9.86 22.54
N9 DGT L . 11.46 9.50 22.53
C8 DGT L . 10.51 9.91 23.43
N7 DGT L . 9.33 9.39 23.18
C5 DGT L . 9.52 8.61 22.04
C6 DGT L . 8.60 7.82 21.31
O6 DGT L . 7.39 7.66 21.53
N1 DGT L . 9.20 7.19 20.23
C2 DGT L . 10.53 7.29 19.90
N2 DGT L . 10.93 6.62 18.79
N3 DGT L . 11.41 8.03 20.58
C4 DGT L . 10.83 8.66 21.64
MG MG M . 15.51 13.20 16.47
ZN ZN N . 5.00 16.06 -1.53
#